data_2NS8
#
_entry.id   2NS8
#
_cell.length_a   77.890
_cell.length_b   200.590
_cell.length_c   65.280
_cell.angle_alpha   90.000
_cell.angle_beta   90.000
_cell.angle_gamma   90.000
#
_symmetry.space_group_name_H-M   'P 21 21 2'
#
loop_
_entity.id
_entity.type
_entity.pdbx_description
1 polymer 'Tetracycline repressor protein'
2 polymer '16 residue peptide Tip (Transcription inducing peptide)'
#
loop_
_entity_poly.entity_id
_entity_poly.type
_entity_poly.pdbx_seq_one_letter_code
_entity_poly.pdbx_strand_id
1 'polypeptide(L)'
;MSRLDKSKVINSALELLNEVGIEGLTTRKLAQKLGVEQPTLYWHVKNKRALLDALAIEMLDRHHTHFSPLEGESWQDFLR
NNAKSFRNALLSHRDGAKVHLGTRPTEKQYETLENQLAFLTQQGFSLENALYALSAVGHFTLGSVLEDQEHQVAKEERET
PTTDSMPPLLRQAIELFDHQGAEPAFLHGLESLIRGFEVQLTALLQIV
;
A,B,C,D
2 'polypeptide(L)' (ACE)WTWNAYAFAAPSGGGS H,E,F,G,Z
#
loop_
_chem_comp.id
_chem_comp.type
_chem_comp.name
_chem_comp.formula
ACE non-polymer 'ACETYL GROUP' 'C2 H4 O'
#
# COMPACT_ATOMS: atom_id res chain seq x y z
N ARG A 3 30.71 -33.67 25.55
CA ARG A 3 30.25 -32.24 25.77
C ARG A 3 30.57 -31.31 24.59
N LEU A 4 29.51 -30.85 23.93
CA LEU A 4 29.64 -30.04 22.72
C LEU A 4 30.16 -28.64 22.95
N ASP A 5 29.67 -28.00 23.99
CA ASP A 5 29.87 -26.56 24.17
C ASP A 5 31.35 -26.21 24.32
N LYS A 6 32.10 -27.07 25.00
CA LYS A 6 33.56 -26.88 25.10
C LYS A 6 34.33 -26.94 23.74
N SER A 7 33.66 -27.31 22.66
CA SER A 7 34.35 -27.74 21.44
C SER A 7 33.95 -26.97 20.19
N LYS A 8 34.62 -27.29 19.08
CA LYS A 8 34.30 -26.71 17.78
C LYS A 8 33.35 -27.57 16.90
N VAL A 9 32.74 -28.59 17.47
CA VAL A 9 31.88 -29.48 16.70
C VAL A 9 30.71 -28.70 16.10
N ILE A 10 30.06 -27.90 16.94
CA ILE A 10 28.92 -27.11 16.53
C ILE A 10 29.26 -26.23 15.37
N ASN A 11 30.35 -25.52 15.53
CA ASN A 11 30.80 -24.54 14.56
C ASN A 11 31.05 -25.19 13.24
N SER A 12 31.76 -26.31 13.26
CA SER A 12 32.12 -27.00 12.02
C SER A 12 30.89 -27.59 11.41
N ALA A 13 30.02 -28.13 12.26
CA ALA A 13 28.80 -28.76 11.78
C ALA A 13 27.91 -27.78 11.03
N LEU A 14 27.87 -26.53 11.50
CA LEU A 14 27.16 -25.43 10.81
C LEU A 14 27.66 -25.15 9.42
N GLU A 15 28.99 -25.12 9.26
CA GLU A 15 29.63 -24.89 7.95
C GLU A 15 29.33 -26.01 7.03
N LEU A 16 29.33 -27.21 7.59
CA LEU A 16 29.02 -28.42 6.84
C LEU A 16 27.57 -28.40 6.38
N LEU A 17 26.70 -28.04 7.32
CA LEU A 17 25.28 -27.90 7.03
C LEU A 17 25.08 -27.03 5.81
N ASN A 18 25.82 -25.94 5.75
CA ASN A 18 25.83 -25.14 4.55
C ASN A 18 26.39 -25.91 3.38
N GLU A 19 27.56 -26.51 3.54
CA GLU A 19 28.17 -27.28 2.43
C GLU A 19 27.18 -28.32 1.85
N VAL A 20 26.51 -29.10 2.70
CA VAL A 20 25.82 -30.31 2.25
C VAL A 20 24.33 -30.43 2.63
N GLY A 21 23.77 -29.45 3.30
CA GLY A 21 22.39 -29.56 3.77
C GLY A 21 22.22 -30.65 4.82
N ILE A 22 21.03 -30.73 5.39
CA ILE A 22 20.78 -31.60 6.51
C ILE A 22 20.85 -33.10 6.14
N GLU A 23 20.41 -33.44 4.94
CA GLU A 23 20.50 -34.83 4.47
C GLU A 23 21.92 -35.30 4.58
N GLY A 24 22.85 -34.45 4.16
CA GLY A 24 24.28 -34.81 4.07
C GLY A 24 25.09 -34.68 5.36
N LEU A 25 24.40 -34.44 6.47
CA LEU A 25 25.09 -34.21 7.73
C LEU A 25 25.21 -35.54 8.47
N THR A 26 26.00 -36.44 7.90
CA THR A 26 26.15 -37.82 8.41
C THR A 26 27.39 -37.88 9.27
N THR A 27 27.53 -38.97 10.05
CA THR A 27 28.67 -39.14 10.95
C THR A 27 29.98 -39.15 10.18
N ARG A 28 29.96 -39.77 9.02
CA ARG A 28 31.16 -39.90 8.23
C ARG A 28 31.69 -38.52 7.84
N LYS A 29 30.80 -37.64 7.39
CA LYS A 29 31.22 -36.34 6.85
C LYS A 29 31.62 -35.39 7.98
N LEU A 30 30.95 -35.48 9.12
CA LEU A 30 31.31 -34.63 10.26
C LEU A 30 32.67 -35.02 10.85
N ALA A 31 32.80 -36.30 11.21
CA ALA A 31 34.09 -36.87 11.55
C ALA A 31 35.19 -36.36 10.63
N GLN A 32 35.05 -36.61 9.33
CA GLN A 32 36.02 -36.11 8.35
C GLN A 32 36.25 -34.61 8.49
N LYS A 33 35.24 -33.79 8.23
CA LYS A 33 35.36 -32.33 8.37
C LYS A 33 36.23 -31.98 9.58
N LEU A 34 35.95 -32.59 10.72
CA LEU A 34 36.67 -32.34 11.97
C LEU A 34 38.12 -32.89 12.03
N GLY A 35 38.40 -33.91 11.23
CA GLY A 35 39.73 -34.50 11.20
C GLY A 35 39.91 -35.54 12.27
N VAL A 36 38.80 -36.21 12.63
CA VAL A 36 38.81 -37.15 13.74
C VAL A 36 38.00 -38.36 13.36
N GLU A 37 38.39 -39.50 13.90
CA GLU A 37 37.60 -40.70 13.70
C GLU A 37 36.27 -40.68 14.48
N GLN A 38 35.38 -41.57 14.09
CA GLN A 38 34.01 -41.56 14.57
C GLN A 38 33.82 -41.73 16.08
N PRO A 39 34.67 -42.53 16.73
CA PRO A 39 34.48 -42.67 18.17
C PRO A 39 34.62 -41.36 18.94
N THR A 40 35.51 -40.49 18.52
CA THR A 40 35.65 -39.23 19.22
C THR A 40 34.44 -38.36 18.99
N LEU A 41 33.91 -38.37 17.77
CA LEU A 41 32.66 -37.65 17.48
C LEU A 41 31.46 -38.19 18.28
N TYR A 42 31.41 -39.51 18.42
CA TYR A 42 30.36 -40.14 19.22
C TYR A 42 30.41 -39.66 20.66
N TRP A 43 31.60 -39.43 21.19
CA TRP A 43 31.73 -38.94 22.57
C TRP A 43 31.17 -37.53 22.71
N HIS A 44 31.31 -36.72 21.66
CA HIS A 44 30.73 -35.39 21.60
C HIS A 44 29.21 -35.44 21.43
N VAL A 45 28.72 -36.41 20.65
CA VAL A 45 27.28 -36.43 20.23
C VAL A 45 26.81 -37.83 19.89
N LYS A 46 25.78 -38.29 20.59
CA LYS A 46 25.33 -39.69 20.45
C LYS A 46 24.53 -39.97 19.19
N ASN A 47 23.73 -39.00 18.76
CA ASN A 47 22.81 -39.18 17.65
C ASN A 47 22.58 -37.85 16.89
N LYS A 48 21.90 -37.92 15.75
CA LYS A 48 21.72 -36.76 14.88
C LYS A 48 20.80 -35.72 15.51
N ARG A 49 19.73 -36.17 16.15
CA ARG A 49 18.77 -35.32 16.88
C ARG A 49 19.50 -34.44 17.90
N ALA A 50 20.37 -35.06 18.67
CA ALA A 50 21.16 -34.32 19.62
C ALA A 50 21.99 -33.25 18.92
N LEU A 51 22.60 -33.59 17.79
CA LEU A 51 23.38 -32.60 17.06
C LEU A 51 22.47 -31.46 16.63
N LEU A 52 21.36 -31.82 15.99
CA LEU A 52 20.40 -30.82 15.49
C LEU A 52 19.89 -29.90 16.59
N ASP A 53 19.59 -30.47 17.75
CA ASP A 53 19.30 -29.67 18.96
C ASP A 53 20.38 -28.62 19.21
N ALA A 54 21.63 -29.01 19.20
CA ALA A 54 22.68 -28.06 19.54
C ALA A 54 22.89 -27.01 18.42
N LEU A 55 22.80 -27.47 17.18
CA LEU A 55 22.86 -26.56 16.02
C LEU A 55 21.75 -25.52 16.03
N ALA A 56 20.52 -25.94 16.34
CA ALA A 56 19.38 -25.02 16.47
C ALA A 56 19.67 -23.93 17.52
N ILE A 57 20.06 -24.35 18.70
CA ILE A 57 20.35 -23.43 19.80
C ILE A 57 21.45 -22.50 19.35
N GLU A 58 22.48 -23.05 18.74
CA GLU A 58 23.60 -22.22 18.35
C GLU A 58 23.13 -21.18 17.35
N MET A 59 22.21 -21.57 16.46
CA MET A 59 21.69 -20.63 15.47
C MET A 59 20.89 -19.50 16.12
N LEU A 60 20.08 -19.82 17.09
CA LEU A 60 19.33 -18.80 17.81
C LEU A 60 20.25 -17.85 18.52
N ASP A 61 21.32 -18.41 19.09
CA ASP A 61 22.29 -17.63 19.85
C ASP A 61 23.10 -16.69 18.95
N ARG A 62 23.27 -17.05 17.69
CA ARG A 62 23.97 -16.18 16.73
C ARG A 62 23.10 -15.16 16.03
N HIS A 63 21.84 -15.50 15.77
CA HIS A 63 21.02 -14.72 14.84
C HIS A 63 19.63 -14.35 15.34
N HIS A 64 19.23 -14.84 16.51
CA HIS A 64 17.95 -14.48 17.06
C HIS A 64 18.20 -13.47 18.16
N THR A 65 18.39 -12.22 17.75
CA THR A 65 18.71 -11.16 18.67
C THR A 65 17.52 -10.54 19.39
N HIS A 66 16.29 -10.80 18.95
CA HIS A 66 15.15 -10.18 19.63
C HIS A 66 14.37 -11.16 20.46
N PHE A 67 15.12 -11.85 21.31
CA PHE A 67 14.62 -12.98 22.07
C PHE A 67 13.79 -12.53 23.30
N SER A 68 13.87 -11.25 23.65
CA SER A 68 13.01 -10.71 24.70
C SER A 68 12.60 -9.26 24.51
N PRO A 69 11.49 -8.87 25.18
CA PRO A 69 10.93 -7.51 25.02
C PRO A 69 11.87 -6.47 25.54
N LEU A 70 11.84 -5.29 24.97
CA LEU A 70 12.79 -4.27 25.32
C LEU A 70 12.19 -3.36 26.33
N GLU A 71 13.02 -2.49 26.90
CA GLU A 71 12.56 -1.41 27.71
C GLU A 71 11.54 -0.63 26.87
N GLY A 72 10.27 -0.69 27.27
CA GLY A 72 9.24 0.22 26.75
C GLY A 72 8.44 -0.28 25.55
N GLU A 73 8.85 -1.42 25.02
CA GLU A 73 8.27 -1.97 23.84
C GLU A 73 6.89 -2.48 24.18
N SER A 74 5.94 -2.29 23.27
CA SER A 74 4.62 -2.86 23.40
C SER A 74 4.68 -4.32 23.01
N TRP A 75 3.65 -5.07 23.40
CA TRP A 75 3.60 -6.47 23.10
C TRP A 75 3.45 -6.67 21.60
N GLN A 76 2.83 -5.71 20.93
CA GLN A 76 2.71 -5.82 19.47
C GLN A 76 4.09 -5.79 18.83
N ASP A 77 4.88 -4.78 19.12
CA ASP A 77 6.25 -4.68 18.60
C ASP A 77 7.16 -5.80 19.04
N PHE A 78 6.92 -6.35 20.22
CA PHE A 78 7.78 -7.43 20.66
C PHE A 78 7.54 -8.65 19.77
N LEU A 79 6.28 -8.97 19.55
CA LEU A 79 5.92 -10.10 18.72
C LEU A 79 6.41 -9.91 17.30
N ARG A 80 6.24 -8.71 16.76
CA ARG A 80 6.80 -8.40 15.43
C ARG A 80 8.29 -8.65 15.37
N ASN A 81 9.06 -8.00 16.24
CA ASN A 81 10.52 -8.10 16.20
C ASN A 81 11.02 -9.49 16.50
N ASN A 82 10.33 -10.17 17.41
CA ASN A 82 10.70 -11.53 17.76
C ASN A 82 10.52 -12.52 16.57
N ALA A 83 9.39 -12.43 15.88
CA ALA A 83 9.15 -13.21 14.67
C ALA A 83 10.18 -12.92 13.62
N LYS A 84 10.43 -11.64 13.38
CA LYS A 84 11.34 -11.23 12.31
C LYS A 84 12.73 -11.77 12.61
N SER A 85 13.10 -11.67 13.88
CA SER A 85 14.38 -12.11 14.36
C SER A 85 14.51 -13.62 14.29
N PHE A 86 13.41 -14.30 14.61
CA PHE A 86 13.33 -15.76 14.51
C PHE A 86 13.51 -16.18 13.05
N ARG A 87 12.78 -15.49 12.18
CA ARG A 87 12.87 -15.70 10.75
C ARG A 87 14.31 -15.64 10.30
N ASN A 88 15.01 -14.56 10.62
CA ASN A 88 16.41 -14.40 10.24
C ASN A 88 17.28 -15.56 10.67
N ALA A 89 17.09 -16.01 11.92
CA ALA A 89 17.86 -17.11 12.45
C ALA A 89 17.57 -18.35 11.64
N LEU A 90 16.31 -18.67 11.39
CA LEU A 90 15.99 -19.82 10.53
C LEU A 90 16.53 -19.67 9.10
N LEU A 91 16.61 -18.45 8.57
CA LEU A 91 17.08 -18.26 7.18
C LEU A 91 18.61 -18.20 7.09
N SER A 92 19.28 -18.11 8.23
CA SER A 92 20.73 -17.87 8.25
C SER A 92 21.55 -19.03 7.70
N HIS A 93 20.99 -20.24 7.71
CA HIS A 93 21.69 -21.42 7.21
C HIS A 93 20.85 -22.24 6.24
N ARG A 94 21.53 -23.03 5.41
CA ARG A 94 20.85 -24.02 4.58
C ARG A 94 20.02 -24.94 5.48
N ASP A 95 18.81 -25.26 5.01
CA ASP A 95 17.88 -26.12 5.71
C ASP A 95 17.67 -25.68 7.13
N GLY A 96 17.81 -24.39 7.36
CA GLY A 96 17.82 -23.88 8.71
C GLY A 96 16.55 -24.18 9.48
N ALA A 97 15.40 -24.02 8.85
CA ALA A 97 14.17 -24.32 9.53
C ALA A 97 14.05 -25.80 9.85
N LYS A 98 14.46 -26.68 8.95
CA LYS A 98 14.38 -28.11 9.21
C LYS A 98 15.15 -28.42 10.47
N VAL A 99 16.28 -27.73 10.66
CA VAL A 99 17.09 -27.97 11.83
C VAL A 99 16.33 -27.60 13.10
N HIS A 100 15.55 -26.52 13.06
CA HIS A 100 14.82 -26.05 14.25
C HIS A 100 13.57 -26.86 14.51
N LEU A 101 13.08 -27.58 13.51
CA LEU A 101 11.91 -28.43 13.69
C LEU A 101 12.08 -29.26 14.91
N GLY A 102 11.02 -29.38 15.68
CA GLY A 102 11.04 -30.25 16.85
C GLY A 102 12.00 -29.80 17.94
N THR A 103 12.20 -28.50 18.08
CA THR A 103 13.06 -27.93 19.09
C THR A 103 12.45 -28.05 20.49
N ARG A 104 13.24 -28.54 21.42
CA ARG A 104 12.88 -28.63 22.84
C ARG A 104 13.74 -27.61 23.61
N PRO A 105 13.13 -26.56 24.14
CA PRO A 105 13.91 -25.63 24.94
C PRO A 105 14.58 -26.30 26.14
N THR A 106 15.84 -25.95 26.40
CA THR A 106 16.57 -26.44 27.55
C THR A 106 16.42 -25.50 28.72
N GLU A 107 16.83 -25.95 29.89
CA GLU A 107 16.73 -25.13 31.09
C GLU A 107 17.38 -23.76 30.91
N LYS A 108 18.55 -23.71 30.25
CA LYS A 108 19.22 -22.42 29.98
C LYS A 108 18.27 -21.41 29.31
N GLN A 109 17.25 -21.88 28.60
CA GLN A 109 16.31 -20.98 27.91
C GLN A 109 15.06 -20.64 28.73
N TYR A 110 14.84 -21.35 29.85
CA TYR A 110 13.61 -21.19 30.64
C TYR A 110 13.31 -19.76 31.04
N GLU A 111 14.35 -19.01 31.42
CA GLU A 111 14.19 -17.62 31.90
C GLU A 111 13.66 -16.69 30.80
N THR A 112 14.17 -16.89 29.59
CA THR A 112 13.73 -16.12 28.45
C THR A 112 12.25 -16.38 28.17
N LEU A 113 11.88 -17.65 28.12
CA LEU A 113 10.49 -18.04 27.93
C LEU A 113 9.57 -17.45 29.01
N GLU A 114 10.03 -17.46 30.25
CA GLU A 114 9.26 -16.99 31.40
C GLU A 114 9.02 -15.48 31.35
N ASN A 115 10.04 -14.72 30.94
CA ASN A 115 9.91 -13.28 30.78
C ASN A 115 8.95 -12.96 29.68
N GLN A 116 9.00 -13.73 28.59
CA GLN A 116 8.03 -13.54 27.50
C GLN A 116 6.63 -13.63 28.03
N LEU A 117 6.30 -14.75 28.66
CA LEU A 117 4.98 -14.91 29.29
C LEU A 117 4.63 -13.82 30.33
N ALA A 118 5.60 -13.47 31.15
CA ALA A 118 5.41 -12.47 32.20
C ALA A 118 5.13 -11.11 31.61
N PHE A 119 5.84 -10.80 30.53
CA PHE A 119 5.64 -9.54 29.83
C PHE A 119 4.23 -9.50 29.22
N LEU A 120 3.86 -10.50 28.42
CA LEU A 120 2.51 -10.54 27.82
C LEU A 120 1.35 -10.44 28.84
N THR A 121 1.45 -11.19 29.93
CA THR A 121 0.42 -11.13 30.96
C THR A 121 0.41 -9.76 31.66
N GLN A 122 1.59 -9.19 31.89
CA GLN A 122 1.67 -7.82 32.40
C GLN A 122 0.93 -6.87 31.46
N GLN A 123 0.97 -7.12 30.16
CA GLN A 123 0.20 -6.29 29.20
C GLN A 123 -1.31 -6.62 29.14
N GLY A 124 -1.77 -7.56 29.98
CA GLY A 124 -3.20 -7.88 30.06
C GLY A 124 -3.71 -8.99 29.16
N PHE A 125 -2.82 -9.86 28.70
CA PHE A 125 -3.25 -11.14 28.12
C PHE A 125 -3.51 -12.05 29.28
N SER A 126 -4.51 -12.92 29.19
CA SER A 126 -4.48 -14.10 30.07
C SER A 126 -3.27 -14.94 29.68
N LEU A 127 -2.81 -15.75 30.62
CA LEU A 127 -1.65 -16.58 30.36
C LEU A 127 -1.94 -17.44 29.13
N GLU A 128 -3.13 -18.04 29.13
CA GLU A 128 -3.61 -18.84 28.02
C GLU A 128 -3.59 -18.10 26.67
N ASN A 129 -4.13 -16.90 26.60
CA ASN A 129 -4.14 -16.20 25.32
C ASN A 129 -2.78 -15.71 24.90
N ALA A 130 -1.94 -15.38 25.88
CA ALA A 130 -0.54 -15.09 25.61
C ALA A 130 0.08 -16.25 24.86
N LEU A 131 -0.13 -17.43 25.40
CA LEU A 131 0.36 -18.67 24.81
C LEU A 131 -0.03 -18.82 23.38
N TYR A 132 -1.30 -18.58 23.08
CA TYR A 132 -1.78 -18.76 21.71
C TYR A 132 -1.17 -17.75 20.76
N ALA A 133 -0.83 -16.56 21.24
CA ALA A 133 -0.24 -15.53 20.35
C ALA A 133 1.19 -15.86 20.03
N LEU A 134 1.90 -16.28 21.07
CA LEU A 134 3.27 -16.76 20.92
C LEU A 134 3.31 -17.97 20.05
N SER A 135 2.37 -18.88 20.24
CA SER A 135 2.41 -20.09 19.45
C SER A 135 2.08 -19.74 18.01
N ALA A 136 1.09 -18.89 17.80
CA ALA A 136 0.63 -18.63 16.44
C ALA A 136 1.74 -17.93 15.72
N VAL A 137 2.35 -16.97 16.41
CA VAL A 137 3.45 -16.28 15.77
C VAL A 137 4.59 -17.27 15.48
N GLY A 138 4.93 -18.10 16.45
CA GLY A 138 5.99 -19.10 16.26
C GLY A 138 5.79 -20.05 15.08
N HIS A 139 4.69 -20.81 15.10
CA HIS A 139 4.37 -21.81 14.11
C HIS A 139 4.24 -21.21 12.70
N PHE A 140 3.69 -20.00 12.63
CA PHE A 140 3.58 -19.32 11.34
C PHE A 140 4.97 -19.01 10.80
N THR A 141 5.84 -18.49 11.67
CA THR A 141 7.17 -18.08 11.23
C THR A 141 7.96 -19.25 10.73
N LEU A 142 7.90 -20.34 11.50
CA LEU A 142 8.55 -21.60 11.15
C LEU A 142 7.99 -22.20 9.84
N GLY A 143 6.66 -22.33 9.78
CA GLY A 143 5.98 -22.78 8.57
C GLY A 143 6.40 -22.02 7.35
N SER A 144 6.45 -20.69 7.46
CA SER A 144 6.82 -19.83 6.32
C SER A 144 8.23 -20.14 5.80
N VAL A 145 9.17 -20.30 6.72
CA VAL A 145 10.55 -20.49 6.34
C VAL A 145 10.80 -21.91 5.82
N LEU A 146 10.18 -22.90 6.44
CA LEU A 146 10.34 -24.26 5.96
C LEU A 146 9.96 -24.35 4.50
N GLU A 147 8.79 -23.82 4.19
CA GLU A 147 8.27 -23.79 2.83
C GLU A 147 9.13 -22.98 1.90
N ASP A 148 9.54 -21.80 2.34
CA ASP A 148 10.45 -20.98 1.55
C ASP A 148 11.68 -21.80 1.15
N GLN A 149 12.23 -22.53 2.12
CA GLN A 149 13.48 -23.28 1.91
C GLN A 149 13.26 -24.52 1.06
N GLU A 150 12.15 -25.23 1.25
CA GLU A 150 11.92 -26.47 0.49
C GLU A 150 11.66 -26.19 -0.98
N HIS A 151 10.83 -25.20 -1.27
CA HIS A 151 10.54 -24.83 -2.65
C HIS A 151 11.82 -24.30 -3.27
N GLN A 152 12.67 -23.68 -2.47
CA GLN A 152 13.98 -23.23 -2.96
C GLN A 152 14.81 -24.41 -3.51
N VAL A 153 14.80 -25.54 -2.79
CA VAL A 153 15.52 -26.76 -3.22
C VAL A 153 14.76 -27.49 -4.34
N ALA A 154 13.50 -27.79 -4.07
CA ALA A 154 12.65 -28.54 -5.00
C ALA A 154 12.46 -27.86 -6.38
N LYS A 155 12.54 -26.54 -6.46
CA LYS A 155 12.33 -25.84 -7.74
C LYS A 155 13.39 -26.28 -8.78
N GLU A 156 14.60 -26.56 -8.29
CA GLU A 156 15.73 -26.95 -9.13
C GLU A 156 15.54 -28.36 -9.67
N GLU A 157 14.79 -29.20 -8.95
CA GLU A 157 14.46 -30.56 -9.41
C GLU A 157 13.06 -30.62 -10.05
N ARG A 158 12.72 -29.57 -10.81
CA ARG A 158 11.33 -29.33 -11.20
C ARG A 158 11.20 -28.47 -12.47
N GLU A 159 10.11 -28.71 -13.18
CA GLU A 159 10.02 -28.46 -14.61
C GLU A 159 9.39 -27.12 -14.95
N THR A 160 9.84 -26.08 -14.26
CA THR A 160 9.57 -24.69 -14.64
C THR A 160 8.10 -24.44 -15.05
N PRO A 161 7.45 -23.48 -14.38
CA PRO A 161 5.99 -23.38 -14.41
C PRO A 161 5.45 -23.18 -15.83
N THR A 162 4.94 -24.25 -16.41
CA THR A 162 4.32 -24.19 -17.74
C THR A 162 3.10 -23.24 -17.69
N THR A 163 3.38 -21.94 -17.85
CA THR A 163 2.37 -20.87 -17.73
C THR A 163 1.44 -20.93 -18.96
N ASP A 164 0.52 -19.95 -19.10
CA ASP A 164 -0.53 -19.96 -20.17
C ASP A 164 -1.59 -21.03 -19.91
N SER A 165 -1.16 -22.27 -19.66
CA SER A 165 -2.05 -23.30 -19.12
C SER A 165 -2.77 -22.79 -17.87
N MET A 166 -2.06 -22.05 -17.02
CA MET A 166 -2.67 -21.49 -15.81
C MET A 166 -3.55 -20.26 -16.07
N PRO A 167 -4.62 -20.11 -15.27
CA PRO A 167 -5.66 -19.11 -15.53
C PRO A 167 -5.40 -17.71 -14.91
N PRO A 168 -6.29 -16.74 -15.22
CA PRO A 168 -6.02 -15.30 -15.11
C PRO A 168 -5.45 -14.83 -13.79
N LEU A 169 -6.19 -15.04 -12.70
CA LEU A 169 -5.81 -14.56 -11.37
C LEU A 169 -4.62 -15.32 -10.80
N LEU A 170 -4.57 -16.61 -11.08
CA LEU A 170 -3.47 -17.42 -10.64
C LEU A 170 -2.20 -16.82 -11.21
N ARG A 171 -2.19 -16.63 -12.53
CA ARG A 171 -1.02 -16.09 -13.22
C ARG A 171 -0.55 -14.77 -12.58
N GLN A 172 -1.47 -13.81 -12.46
CA GLN A 172 -1.21 -12.54 -11.73
C GLN A 172 -0.58 -12.75 -10.38
N ALA A 173 -1.08 -13.73 -9.64
CA ALA A 173 -0.49 -14.07 -8.36
C ALA A 173 0.92 -14.62 -8.52
N ILE A 174 1.16 -15.46 -9.52
CA ILE A 174 2.53 -15.91 -9.77
C ILE A 174 3.50 -14.75 -10.06
N GLU A 175 3.08 -13.77 -10.87
CA GLU A 175 3.95 -12.63 -11.17
C GLU A 175 4.22 -11.79 -9.96
N LEU A 176 3.18 -11.60 -9.16
CA LEU A 176 3.30 -10.83 -7.95
C LEU A 176 4.39 -11.44 -7.08
N PHE A 177 4.26 -12.72 -6.78
CA PHE A 177 5.28 -13.48 -6.04
C PHE A 177 6.64 -13.51 -6.73
N ASP A 178 6.64 -13.54 -8.06
CA ASP A 178 7.89 -13.47 -8.79
C ASP A 178 8.55 -12.13 -8.53
N HIS A 179 7.75 -11.06 -8.42
CA HIS A 179 8.27 -9.72 -8.23
C HIS A 179 8.67 -9.45 -6.77
N GLN A 180 7.89 -9.92 -5.83
CA GLN A 180 8.07 -9.46 -4.47
C GLN A 180 8.71 -10.49 -3.54
N GLY A 181 8.57 -11.78 -3.85
CA GLY A 181 9.16 -12.82 -3.02
C GLY A 181 8.31 -13.07 -1.80
N ALA A 182 8.89 -13.73 -0.80
CA ALA A 182 8.15 -14.24 0.38
C ALA A 182 7.95 -13.25 1.50
N GLU A 183 8.83 -12.25 1.60
CA GLU A 183 8.89 -11.37 2.78
C GLU A 183 7.65 -10.50 2.92
N PRO A 184 7.17 -9.86 1.85
CA PRO A 184 5.92 -9.08 2.06
C PRO A 184 4.76 -9.95 2.55
N ALA A 185 4.57 -11.14 1.96
CA ALA A 185 3.52 -12.02 2.49
C ALA A 185 3.75 -12.37 3.95
N PHE A 186 5.01 -12.54 4.34
CA PHE A 186 5.32 -12.89 5.72
C PHE A 186 4.95 -11.74 6.67
N LEU A 187 5.32 -10.52 6.33
CA LEU A 187 5.04 -9.38 7.21
C LEU A 187 3.54 -9.07 7.28
N HIS A 188 2.81 -9.29 6.18
CA HIS A 188 1.35 -9.10 6.22
C HIS A 188 0.68 -10.14 7.07
N GLY A 189 1.19 -11.36 7.04
CA GLY A 189 0.58 -12.44 7.80
C GLY A 189 0.86 -12.23 9.26
N LEU A 190 2.08 -11.78 9.52
CA LEU A 190 2.47 -11.48 10.86
C LEU A 190 1.54 -10.40 11.37
N GLU A 191 1.38 -9.36 10.56
CA GLU A 191 0.57 -8.24 10.97
C GLU A 191 -0.85 -8.68 11.29
N SER A 192 -1.39 -9.61 10.52
CA SER A 192 -2.75 -10.11 10.79
C SER A 192 -2.87 -10.74 12.13
N LEU A 193 -2.02 -11.71 12.42
CA LEU A 193 -2.05 -12.41 13.71
C LEU A 193 -2.12 -11.43 14.84
N ILE A 194 -1.29 -10.42 14.75
CA ILE A 194 -1.15 -9.44 15.77
C ILE A 194 -2.41 -8.60 15.91
N ARG A 195 -2.92 -8.08 14.78
CA ARG A 195 -4.15 -7.32 14.76
C ARG A 195 -5.30 -8.19 15.23
N GLY A 196 -5.18 -9.50 15.04
CA GLY A 196 -6.19 -10.42 15.56
C GLY A 196 -6.24 -10.39 17.06
N PHE A 197 -5.10 -10.60 17.70
CA PHE A 197 -5.03 -10.60 19.15
C PHE A 197 -5.30 -9.20 19.74
N GLU A 198 -4.83 -8.19 19.04
CA GLU A 198 -5.04 -6.83 19.49
C GLU A 198 -6.51 -6.55 19.72
N VAL A 199 -7.35 -7.05 18.82
CA VAL A 199 -8.74 -6.70 18.84
C VAL A 199 -9.58 -7.59 19.78
N GLN A 200 -9.18 -8.85 19.95
CA GLN A 200 -9.77 -9.70 20.98
C GLN A 200 -9.47 -9.15 22.36
N LEU A 201 -8.25 -8.66 22.58
CA LEU A 201 -7.86 -8.07 23.87
C LEU A 201 -8.95 -7.18 24.42
N THR A 202 -9.49 -6.35 23.53
CA THR A 202 -10.57 -5.40 23.82
C THR A 202 -11.80 -5.76 22.94
N LEU B 4 -1.87 -54.04 -10.86
CA LEU B 4 -0.53 -53.35 -10.87
C LEU B 4 -0.58 -51.96 -11.54
N ASP B 5 -1.52 -51.13 -11.10
CA ASP B 5 -1.64 -49.82 -11.67
C ASP B 5 -1.17 -48.79 -10.68
N LYS B 6 -1.08 -47.55 -11.16
CA LYS B 6 -0.63 -46.42 -10.40
C LYS B 6 -1.39 -46.34 -9.06
N SER B 7 -2.65 -46.73 -9.05
CA SER B 7 -3.42 -46.54 -7.84
C SER B 7 -3.05 -47.55 -6.74
N LYS B 8 -2.80 -48.81 -7.07
CA LYS B 8 -2.30 -49.75 -6.05
C LYS B 8 -0.95 -49.29 -5.44
N VAL B 9 -0.10 -48.73 -6.29
CA VAL B 9 1.26 -48.31 -5.89
C VAL B 9 1.11 -47.25 -4.81
N ILE B 10 0.27 -46.28 -5.09
CA ILE B 10 -0.02 -45.20 -4.18
C ILE B 10 -0.73 -45.62 -2.87
N ASN B 11 -1.69 -46.54 -2.95
CA ASN B 11 -2.34 -47.03 -1.70
C ASN B 11 -1.32 -47.72 -0.85
N SER B 12 -0.49 -48.55 -1.47
CA SER B 12 0.52 -49.29 -0.72
C SER B 12 1.57 -48.30 -0.19
N ALA B 13 1.97 -47.33 -0.99
CA ALA B 13 2.91 -46.33 -0.49
C ALA B 13 2.40 -45.68 0.79
N LEU B 14 1.12 -45.32 0.80
CA LEU B 14 0.44 -44.70 1.95
C LEU B 14 0.42 -45.59 3.19
N GLU B 15 0.08 -46.85 2.99
CA GLU B 15 0.20 -47.87 4.04
C GLU B 15 1.64 -47.94 4.52
N LEU B 16 2.59 -47.90 3.59
CA LEU B 16 4.00 -48.01 3.92
C LEU B 16 4.50 -46.80 4.69
N LEU B 17 3.95 -45.63 4.36
CA LEU B 17 4.33 -44.41 5.01
C LEU B 17 4.00 -44.47 6.50
N ASN B 18 2.81 -44.96 6.80
CA ASN B 18 2.36 -45.14 8.16
C ASN B 18 3.32 -46.06 8.93
N GLU B 19 3.73 -47.17 8.31
CA GLU B 19 4.56 -48.13 9.03
C GLU B 19 6.05 -47.70 9.18
N VAL B 20 6.61 -46.92 8.27
CA VAL B 20 8.03 -46.50 8.39
C VAL B 20 8.33 -45.00 8.51
N GLY B 21 7.32 -44.15 8.29
CA GLY B 21 7.54 -42.72 8.20
C GLY B 21 8.34 -42.38 6.96
N ILE B 22 8.52 -41.08 6.73
CA ILE B 22 9.05 -40.56 5.46
C ILE B 22 10.55 -40.80 5.27
N GLU B 23 11.31 -40.67 6.35
CA GLU B 23 12.76 -40.89 6.29
C GLU B 23 13.03 -42.33 5.81
N GLY B 24 12.25 -43.30 6.31
CA GLY B 24 12.45 -44.71 6.03
C GLY B 24 11.67 -45.27 4.85
N LEU B 25 10.79 -44.44 4.27
CA LEU B 25 10.16 -44.75 2.98
C LEU B 25 11.18 -44.67 1.83
N THR B 26 11.26 -45.73 1.03
CA THR B 26 12.21 -45.81 -0.09
C THR B 26 11.54 -46.58 -1.19
N THR B 27 11.95 -46.41 -2.45
CA THR B 27 11.36 -47.24 -3.49
C THR B 27 11.67 -48.74 -3.24
N ARG B 28 12.81 -49.03 -2.63
CA ARG B 28 13.13 -50.41 -2.33
C ARG B 28 12.04 -51.04 -1.42
N LYS B 29 11.74 -50.41 -0.30
CA LYS B 29 10.73 -50.98 0.58
C LYS B 29 9.36 -51.09 -0.07
N LEU B 30 9.00 -50.14 -0.91
CA LEU B 30 7.69 -50.16 -1.57
C LEU B 30 7.62 -51.35 -2.54
N ALA B 31 8.66 -51.55 -3.34
CA ALA B 31 8.74 -52.73 -4.21
C ALA B 31 8.64 -54.07 -3.48
N GLN B 32 9.25 -54.16 -2.30
CA GLN B 32 9.11 -55.37 -1.47
C GLN B 32 7.71 -55.58 -0.96
N LYS B 33 7.08 -54.51 -0.49
CA LYS B 33 5.71 -54.58 -0.04
C LYS B 33 4.81 -55.11 -1.17
N LEU B 34 5.14 -54.72 -2.40
CA LEU B 34 4.34 -55.10 -3.56
C LEU B 34 4.73 -56.45 -4.18
N GLY B 35 5.83 -57.06 -3.73
CA GLY B 35 6.27 -58.34 -4.29
C GLY B 35 6.75 -58.14 -5.70
N VAL B 36 7.39 -57.01 -5.94
CA VAL B 36 7.70 -56.57 -7.30
C VAL B 36 9.19 -56.20 -7.47
N GLU B 37 9.72 -56.34 -8.68
CA GLU B 37 11.10 -55.89 -8.97
C GLU B 37 11.17 -54.38 -9.00
N GLN B 38 12.31 -53.85 -8.62
CA GLN B 38 12.46 -52.40 -8.41
C GLN B 38 12.22 -51.61 -9.70
N PRO B 39 12.81 -52.06 -10.84
CA PRO B 39 12.48 -51.56 -12.18
C PRO B 39 10.99 -51.42 -12.47
N THR B 40 10.20 -52.48 -12.25
CA THR B 40 8.79 -52.39 -12.62
C THR B 40 8.13 -51.23 -11.88
N LEU B 41 8.56 -50.98 -10.65
CA LEU B 41 8.03 -49.85 -9.89
C LEU B 41 8.38 -48.49 -10.49
N TYR B 42 9.50 -48.43 -11.21
CA TYR B 42 10.04 -47.16 -11.72
C TYR B 42 9.09 -46.44 -12.67
N TRP B 43 8.31 -47.24 -13.39
CA TRP B 43 7.40 -46.73 -14.38
C TRP B 43 6.27 -45.91 -13.73
N HIS B 44 5.95 -46.27 -12.49
CA HIS B 44 4.88 -45.60 -11.76
C HIS B 44 5.44 -44.45 -10.99
N VAL B 45 6.59 -44.65 -10.34
CA VAL B 45 7.27 -43.55 -9.64
C VAL B 45 8.72 -43.54 -9.99
N LYS B 46 9.18 -42.43 -10.55
CA LYS B 46 10.56 -42.36 -11.06
C LYS B 46 11.62 -42.44 -9.92
N ASN B 47 11.29 -41.84 -8.77
CA ASN B 47 12.21 -41.68 -7.65
C ASN B 47 11.42 -41.31 -6.38
N LYS B 48 12.12 -40.96 -5.30
CA LYS B 48 11.47 -40.78 -4.02
C LYS B 48 10.73 -39.46 -3.92
N ARG B 49 11.11 -38.43 -4.67
CA ARG B 49 10.35 -37.18 -4.55
C ARG B 49 9.06 -37.18 -5.39
N ALA B 50 9.10 -37.80 -6.58
CA ALA B 50 7.90 -37.96 -7.40
C ALA B 50 6.86 -38.73 -6.61
N LEU B 51 7.36 -39.65 -5.79
CA LEU B 51 6.51 -40.50 -4.96
C LEU B 51 5.86 -39.66 -3.91
N LEU B 52 6.69 -38.81 -3.29
CA LEU B 52 6.21 -37.91 -2.28
C LEU B 52 5.23 -36.89 -2.85
N ASP B 53 5.44 -36.43 -4.09
CA ASP B 53 4.49 -35.51 -4.70
C ASP B 53 3.17 -36.26 -4.86
N ALA B 54 3.21 -37.48 -5.38
CA ALA B 54 1.98 -38.24 -5.61
C ALA B 54 1.24 -38.51 -4.31
N LEU B 55 1.96 -38.85 -3.24
CA LEU B 55 1.31 -39.10 -1.95
C LEU B 55 0.64 -37.83 -1.40
N ALA B 56 1.34 -36.69 -1.50
CA ALA B 56 0.72 -35.40 -1.15
C ALA B 56 -0.63 -35.24 -1.89
N ILE B 57 -0.60 -35.41 -3.21
CA ILE B 57 -1.81 -35.33 -4.03
C ILE B 57 -2.93 -36.24 -3.56
N GLU B 58 -2.60 -37.48 -3.18
CA GLU B 58 -3.65 -38.42 -2.78
C GLU B 58 -4.28 -37.90 -1.54
N MET B 59 -3.43 -37.57 -0.56
CA MET B 59 -3.90 -37.09 0.74
C MET B 59 -4.82 -35.90 0.60
N LEU B 60 -4.44 -34.92 -0.21
CA LEU B 60 -5.34 -33.77 -0.39
C LEU B 60 -6.62 -34.28 -1.00
N ASP B 61 -6.48 -35.13 -1.99
CA ASP B 61 -7.63 -35.59 -2.74
C ASP B 61 -8.60 -36.45 -1.92
N ARG B 62 -8.06 -37.28 -1.03
CA ARG B 62 -8.87 -38.09 -0.13
C ARG B 62 -9.52 -37.29 1.00
N HIS B 63 -8.73 -36.40 1.58
CA HIS B 63 -9.02 -35.81 2.89
C HIS B 63 -9.15 -34.29 2.95
N HIS B 64 -8.81 -33.59 1.89
CA HIS B 64 -8.97 -32.14 1.83
C HIS B 64 -10.32 -31.80 1.16
N THR B 65 -11.38 -31.94 1.95
CA THR B 65 -12.74 -31.92 1.43
C THR B 65 -13.22 -30.50 1.17
N HIS B 66 -12.62 -29.52 1.86
CA HIS B 66 -13.03 -28.12 1.69
C HIS B 66 -11.95 -27.36 0.92
N PHE B 67 -11.60 -27.92 -0.25
CA PHE B 67 -10.63 -27.34 -1.17
C PHE B 67 -11.18 -26.06 -1.82
N SER B 68 -12.43 -26.11 -2.23
CA SER B 68 -13.04 -25.01 -2.95
C SER B 68 -14.02 -24.28 -2.04
N PRO B 69 -14.23 -22.98 -2.28
CA PRO B 69 -15.28 -22.29 -1.52
C PRO B 69 -16.60 -22.97 -1.78
N LEU B 70 -17.69 -22.42 -1.27
CA LEU B 70 -18.95 -23.14 -1.22
C LEU B 70 -20.15 -22.23 -0.96
N GLU B 71 -21.26 -22.38 -1.69
CA GLU B 71 -22.54 -21.68 -1.38
C GLU B 71 -22.40 -20.16 -1.30
N GLY B 72 -23.29 -19.54 -0.51
CA GLY B 72 -23.07 -18.21 0.05
C GLY B 72 -22.36 -18.29 1.39
N GLU B 73 -21.51 -19.29 1.55
CA GLU B 73 -20.53 -19.33 2.64
C GLU B 73 -19.73 -18.00 2.64
N SER B 74 -19.54 -17.40 3.81
CA SER B 74 -18.72 -16.19 3.92
C SER B 74 -17.24 -16.48 3.66
N TRP B 75 -16.45 -15.44 3.41
CA TRP B 75 -15.01 -15.65 3.22
C TRP B 75 -14.34 -16.16 4.46
N GLN B 76 -14.90 -15.82 5.62
CA GLN B 76 -14.39 -16.26 6.91
C GLN B 76 -14.62 -17.75 7.12
N ASP B 77 -15.84 -18.19 6.86
CA ASP B 77 -16.20 -19.61 6.89
C ASP B 77 -15.32 -20.39 5.93
N PHE B 78 -15.07 -19.84 4.75
CA PHE B 78 -14.26 -20.61 3.82
C PHE B 78 -12.85 -20.79 4.33
N LEU B 79 -12.26 -19.69 4.76
CA LEU B 79 -10.87 -19.71 5.20
C LEU B 79 -10.71 -20.64 6.37
N ARG B 80 -11.71 -20.60 7.27
CA ARG B 80 -11.72 -21.42 8.48
C ARG B 80 -11.89 -22.89 8.15
N ASN B 81 -12.94 -23.17 7.39
CA ASN B 81 -13.16 -24.52 6.91
C ASN B 81 -12.02 -25.05 6.00
N ASN B 82 -11.39 -24.19 5.21
CA ASN B 82 -10.30 -24.62 4.33
C ASN B 82 -9.03 -24.96 5.11
N ALA B 83 -8.76 -24.16 6.14
CA ALA B 83 -7.61 -24.39 6.98
C ALA B 83 -7.81 -25.71 7.68
N LYS B 84 -8.92 -25.85 8.38
CA LYS B 84 -9.21 -27.06 9.12
C LYS B 84 -9.06 -28.28 8.24
N SER B 85 -9.72 -28.26 7.10
CA SER B 85 -9.74 -29.43 6.22
C SER B 85 -8.33 -29.80 5.74
N PHE B 86 -7.53 -28.77 5.52
CA PHE B 86 -6.16 -28.96 5.05
C PHE B 86 -5.34 -29.61 6.19
N ARG B 87 -5.60 -29.15 7.40
CA ARG B 87 -4.94 -29.69 8.55
C ARG B 87 -5.24 -31.16 8.68
N ASN B 88 -6.48 -31.54 8.39
CA ASN B 88 -6.86 -32.95 8.38
C ASN B 88 -6.05 -33.78 7.37
N ALA B 89 -5.78 -33.19 6.21
CA ALA B 89 -5.05 -33.89 5.21
C ALA B 89 -3.66 -34.10 5.73
N LEU B 90 -3.05 -33.08 6.29
CA LEU B 90 -1.67 -33.19 6.78
C LEU B 90 -1.50 -34.13 7.96
N LEU B 91 -2.56 -34.29 8.74
CA LEU B 91 -2.58 -35.20 9.89
C LEU B 91 -2.97 -36.61 9.48
N SER B 92 -3.48 -36.80 8.26
CA SER B 92 -4.05 -38.09 7.87
C SER B 92 -3.04 -39.26 7.87
N HIS B 93 -1.75 -38.96 7.73
CA HIS B 93 -0.74 -40.01 7.71
C HIS B 93 0.49 -39.57 8.44
N ARG B 94 1.32 -40.57 8.78
CA ARG B 94 2.57 -40.30 9.48
C ARG B 94 3.42 -39.40 8.63
N ASP B 95 3.91 -38.31 9.25
CA ASP B 95 4.82 -37.36 8.65
C ASP B 95 4.15 -36.73 7.47
N GLY B 96 2.84 -36.57 7.57
CA GLY B 96 2.05 -36.08 6.46
C GLY B 96 2.47 -34.70 6.08
N ALA B 97 2.64 -33.81 7.05
CA ALA B 97 3.06 -32.47 6.70
C ALA B 97 4.36 -32.46 5.92
N LYS B 98 5.32 -33.29 6.30
CA LYS B 98 6.62 -33.25 5.66
C LYS B 98 6.52 -33.67 4.23
N VAL B 99 5.56 -34.55 3.95
CA VAL B 99 5.34 -35.02 2.60
C VAL B 99 4.79 -33.91 1.73
N HIS B 100 3.91 -33.07 2.28
CA HIS B 100 3.30 -31.94 1.53
C HIS B 100 4.25 -30.79 1.34
N LEU B 101 5.22 -30.72 2.23
CA LEU B 101 6.18 -29.66 2.23
C LEU B 101 6.84 -29.57 0.86
N GLY B 102 6.76 -28.40 0.25
CA GLY B 102 7.44 -28.11 -0.99
C GLY B 102 6.86 -28.88 -2.16
N THR B 103 5.56 -28.77 -2.32
CA THR B 103 4.82 -29.43 -3.40
C THR B 103 4.10 -28.32 -4.14
N ARG B 104 4.21 -28.31 -5.46
CA ARG B 104 3.57 -27.26 -6.20
C ARG B 104 2.30 -27.87 -6.72
N PRO B 105 1.26 -27.07 -6.89
CA PRO B 105 0.05 -27.60 -7.49
C PRO B 105 0.23 -27.97 -8.95
N THR B 106 -0.34 -29.12 -9.31
CA THR B 106 -0.57 -29.51 -10.72
C THR B 106 -1.68 -28.72 -11.38
N GLU B 107 -1.79 -28.88 -12.69
CA GLU B 107 -2.80 -28.19 -13.49
C GLU B 107 -4.22 -28.59 -13.14
N LYS B 108 -4.46 -29.85 -12.83
CA LYS B 108 -5.81 -30.25 -12.39
C LYS B 108 -6.23 -29.48 -11.14
N GLN B 109 -5.27 -29.01 -10.35
CA GLN B 109 -5.56 -28.14 -9.22
C GLN B 109 -5.71 -26.63 -9.60
N TYR B 110 -5.17 -26.19 -10.72
CA TYR B 110 -5.16 -24.74 -11.05
C TYR B 110 -6.51 -23.99 -10.98
N GLU B 111 -7.59 -24.68 -11.36
CA GLU B 111 -8.94 -24.09 -11.44
C GLU B 111 -9.48 -23.80 -10.03
N THR B 112 -9.27 -24.77 -9.15
CA THR B 112 -9.63 -24.67 -7.76
C THR B 112 -8.93 -23.51 -7.07
N LEU B 113 -7.66 -23.30 -7.42
CA LEU B 113 -6.92 -22.14 -6.91
C LEU B 113 -7.52 -20.83 -7.43
N GLU B 114 -7.97 -20.88 -8.69
CA GLU B 114 -8.58 -19.73 -9.32
C GLU B 114 -9.88 -19.26 -8.64
N ASN B 115 -10.81 -20.15 -8.29
CA ASN B 115 -12.05 -19.63 -7.68
C ASN B 115 -11.91 -19.36 -6.20
N GLN B 116 -10.85 -19.88 -5.58
CA GLN B 116 -10.41 -19.37 -4.28
C GLN B 116 -10.15 -17.88 -4.35
N LEU B 117 -9.24 -17.49 -5.25
CA LEU B 117 -8.90 -16.08 -5.42
C LEU B 117 -10.11 -15.26 -5.81
N ALA B 118 -10.81 -15.73 -6.84
CA ALA B 118 -12.00 -15.05 -7.37
C ALA B 118 -13.04 -14.88 -6.27
N PHE B 119 -13.27 -15.93 -5.49
CA PHE B 119 -14.22 -15.87 -4.38
C PHE B 119 -13.85 -14.79 -3.34
N LEU B 120 -12.60 -14.79 -2.90
CA LEU B 120 -12.15 -13.75 -2.00
C LEU B 120 -12.15 -12.32 -2.61
N THR B 121 -11.80 -12.17 -3.89
CA THR B 121 -11.90 -10.84 -4.51
C THR B 121 -13.36 -10.42 -4.72
N GLN B 122 -14.23 -11.35 -5.15
CA GLN B 122 -15.67 -11.04 -5.24
C GLN B 122 -16.25 -10.60 -3.88
N GLN B 123 -15.61 -11.02 -2.80
CA GLN B 123 -16.09 -10.63 -1.50
C GLN B 123 -15.28 -9.56 -0.77
N GLY B 124 -14.52 -8.73 -1.49
CA GLY B 124 -13.95 -7.51 -0.90
C GLY B 124 -12.44 -7.32 -1.00
N PHE B 125 -11.70 -8.44 -1.07
CA PHE B 125 -10.24 -8.40 -1.11
C PHE B 125 -9.71 -7.95 -2.47
N SER B 126 -8.68 -7.13 -2.43
CA SER B 126 -7.75 -7.02 -3.52
C SER B 126 -7.12 -8.41 -3.74
N LEU B 127 -6.69 -8.65 -4.97
CA LEU B 127 -5.95 -9.84 -5.30
C LEU B 127 -4.79 -10.00 -4.32
N GLU B 128 -4.02 -8.94 -4.14
CA GLU B 128 -2.86 -8.99 -3.23
C GLU B 128 -3.22 -9.50 -1.83
N ASN B 129 -4.20 -8.86 -1.20
CA ASN B 129 -4.60 -9.27 0.14
C ASN B 129 -5.22 -10.66 0.19
N ALA B 130 -5.92 -11.03 -0.87
CA ALA B 130 -6.45 -12.38 -0.95
C ALA B 130 -5.30 -13.38 -0.91
N LEU B 131 -4.27 -13.12 -1.70
CA LEU B 131 -3.04 -13.94 -1.62
C LEU B 131 -2.42 -13.98 -0.22
N TYR B 132 -2.20 -12.82 0.37
CA TYR B 132 -1.67 -12.77 1.72
C TYR B 132 -2.54 -13.51 2.71
N ALA B 133 -3.86 -13.41 2.58
CA ALA B 133 -4.76 -14.18 3.47
C ALA B 133 -4.62 -15.70 3.30
N LEU B 134 -4.67 -16.18 2.06
CA LEU B 134 -4.54 -17.63 1.79
C LEU B 134 -3.15 -18.13 2.23
N SER B 135 -2.13 -17.40 1.82
CA SER B 135 -0.79 -17.67 2.25
C SER B 135 -0.65 -17.76 3.75
N ALA B 136 -1.33 -16.89 4.49
CA ALA B 136 -1.13 -16.88 5.93
C ALA B 136 -1.78 -18.09 6.58
N VAL B 137 -2.98 -18.41 6.17
CA VAL B 137 -3.66 -19.57 6.71
C VAL B 137 -2.89 -20.85 6.35
N GLY B 138 -2.41 -20.90 5.11
CA GLY B 138 -1.74 -22.11 4.66
C GLY B 138 -0.44 -22.36 5.40
N HIS B 139 0.42 -21.34 5.45
CA HIS B 139 1.70 -21.49 6.12
C HIS B 139 1.53 -21.71 7.62
N PHE B 140 0.55 -21.03 8.22
CA PHE B 140 0.24 -21.27 9.65
C PHE B 140 -0.16 -22.75 9.87
N THR B 141 -1.09 -23.23 9.06
CA THR B 141 -1.61 -24.58 9.19
C THR B 141 -0.51 -25.62 8.99
N LEU B 142 0.38 -25.36 8.03
CA LEU B 142 1.37 -26.36 7.69
C LEU B 142 2.39 -26.43 8.81
N GLY B 143 2.89 -25.25 9.23
CA GLY B 143 3.81 -25.14 10.34
C GLY B 143 3.28 -25.75 11.61
N SER B 144 1.96 -25.70 11.83
CA SER B 144 1.39 -26.28 13.05
C SER B 144 1.58 -27.76 13.00
N VAL B 145 1.13 -28.35 11.90
CA VAL B 145 1.17 -29.79 11.79
C VAL B 145 2.60 -30.29 11.77
N LEU B 146 3.44 -29.53 11.08
CA LEU B 146 4.85 -29.92 10.91
C LEU B 146 5.56 -30.13 12.24
N GLU B 147 5.37 -29.19 13.16
CA GLU B 147 5.93 -29.29 14.51
C GLU B 147 5.25 -30.36 15.35
N ASP B 148 3.94 -30.52 15.20
CA ASP B 148 3.19 -31.55 15.94
C ASP B 148 3.80 -32.88 15.62
N GLN B 149 3.88 -33.16 14.33
CA GLN B 149 4.37 -34.44 13.88
C GLN B 149 5.83 -34.63 14.22
N GLU B 150 6.63 -33.57 14.14
CA GLU B 150 8.02 -33.66 14.51
C GLU B 150 8.25 -33.92 15.99
N HIS B 151 7.56 -33.19 16.86
CA HIS B 151 7.70 -33.42 18.31
C HIS B 151 7.15 -34.76 18.71
N GLN B 152 6.18 -35.24 17.93
CA GLN B 152 5.65 -36.57 18.15
C GLN B 152 6.74 -37.63 18.01
N VAL B 153 7.76 -37.34 17.20
CA VAL B 153 8.79 -38.32 16.87
C VAL B 153 9.91 -38.17 17.85
N ALA B 154 10.42 -36.95 17.91
CA ALA B 154 11.43 -36.52 18.86
C ALA B 154 11.24 -36.97 20.29
N LYS B 155 10.02 -36.96 20.82
CA LYS B 155 9.83 -37.35 22.23
C LYS B 155 10.43 -38.73 22.52
N GLU B 156 10.37 -39.62 21.53
CA GLU B 156 10.91 -40.98 21.62
C GLU B 156 12.44 -41.05 21.47
N GLU B 157 13.07 -40.04 20.87
CA GLU B 157 14.55 -39.98 20.67
C GLU B 157 15.26 -39.14 21.74
N ARG B 158 14.54 -38.81 22.80
CA ARG B 158 15.07 -37.98 23.86
C ARG B 158 14.79 -38.60 25.19
N GLU B 159 15.70 -38.33 26.12
CA GLU B 159 15.45 -38.56 27.53
C GLU B 159 14.14 -37.88 27.88
N THR B 160 13.47 -38.44 28.88
CA THR B 160 12.21 -37.90 29.36
C THR B 160 12.39 -36.46 29.91
N PRO B 161 11.34 -35.63 29.86
CA PRO B 161 11.45 -34.18 30.18
C PRO B 161 11.75 -33.73 31.63
N THR B 162 12.59 -32.71 31.75
CA THR B 162 12.99 -32.04 33.01
C THR B 162 12.02 -30.88 33.31
N THR B 163 10.82 -31.24 33.79
CA THR B 163 9.71 -30.26 33.97
C THR B 163 9.64 -29.61 35.36
N ASP B 164 10.13 -30.31 36.38
CA ASP B 164 9.96 -29.93 37.78
C ASP B 164 11.17 -29.11 38.16
N SER B 165 11.16 -27.86 37.73
CA SER B 165 12.36 -27.15 37.37
C SER B 165 11.97 -25.89 36.60
N MET B 166 10.88 -25.98 35.87
CA MET B 166 10.34 -24.86 35.12
C MET B 166 9.77 -23.81 36.05
N PRO B 167 9.93 -22.54 35.70
CA PRO B 167 9.34 -21.49 36.49
C PRO B 167 7.81 -21.42 36.29
N PRO B 168 7.12 -20.64 37.12
CA PRO B 168 5.66 -20.72 37.28
C PRO B 168 4.83 -20.61 36.02
N LEU B 169 5.02 -19.55 35.24
CA LEU B 169 4.18 -19.30 34.05
C LEU B 169 4.43 -20.33 32.98
N LEU B 170 5.71 -20.61 32.71
CA LEU B 170 6.10 -21.67 31.79
C LEU B 170 5.53 -23.00 32.21
N ARG B 171 5.52 -23.23 33.53
CA ARG B 171 4.96 -24.50 34.02
C ARG B 171 3.46 -24.55 33.84
N GLN B 172 2.77 -23.42 34.11
CA GLN B 172 1.35 -23.28 33.80
C GLN B 172 1.12 -23.72 32.35
N ALA B 173 1.86 -23.10 31.43
CA ALA B 173 1.74 -23.37 30.01
C ALA B 173 1.86 -24.84 29.70
N ILE B 174 2.84 -25.47 30.34
CA ILE B 174 3.16 -26.88 30.12
C ILE B 174 2.03 -27.83 30.55
N GLU B 175 1.37 -27.50 31.64
CA GLU B 175 0.25 -28.27 32.15
C GLU B 175 -0.97 -28.05 31.28
N LEU B 176 -1.08 -26.82 30.81
CA LEU B 176 -2.09 -26.45 29.83
C LEU B 176 -1.97 -27.34 28.60
N PHE B 177 -0.80 -27.29 27.98
CA PHE B 177 -0.50 -28.08 26.79
C PHE B 177 -0.81 -29.56 27.01
N ASP B 178 -0.45 -30.08 28.17
CA ASP B 178 -0.63 -31.50 28.49
C ASP B 178 -2.08 -31.87 28.53
N HIS B 179 -2.89 -31.02 29.15
CA HIS B 179 -4.32 -31.22 29.15
C HIS B 179 -4.99 -31.19 27.76
N GLN B 180 -4.48 -30.42 26.81
CA GLN B 180 -5.22 -29.94 25.64
C GLN B 180 -4.68 -30.40 24.31
N GLY B 181 -3.37 -30.55 24.20
CA GLY B 181 -2.72 -30.75 22.93
C GLY B 181 -2.68 -29.46 22.13
N ALA B 182 -2.55 -29.66 20.82
CA ALA B 182 -2.28 -28.63 19.85
C ALA B 182 -3.50 -27.98 19.25
N GLU B 183 -4.61 -28.68 19.22
CA GLU B 183 -5.75 -28.21 18.42
C GLU B 183 -6.24 -26.83 18.83
N PRO B 184 -6.38 -26.58 20.15
CA PRO B 184 -6.86 -25.27 20.58
C PRO B 184 -5.99 -24.13 20.05
N ALA B 185 -4.68 -24.26 20.21
CA ALA B 185 -3.72 -23.29 19.65
C ALA B 185 -4.01 -23.09 18.18
N PHE B 186 -4.25 -24.17 17.46
CA PHE B 186 -4.51 -24.08 16.04
C PHE B 186 -5.74 -23.25 15.76
N LEU B 187 -6.82 -23.58 16.45
CA LEU B 187 -8.08 -22.85 16.28
C LEU B 187 -7.97 -21.36 16.61
N HIS B 188 -7.31 -21.02 17.72
CA HIS B 188 -7.16 -19.61 18.10
C HIS B 188 -6.36 -18.87 17.05
N GLY B 189 -5.19 -19.39 16.69
CA GLY B 189 -4.37 -18.77 15.65
C GLY B 189 -5.14 -18.59 14.35
N LEU B 190 -5.92 -19.59 13.98
CA LEU B 190 -6.78 -19.52 12.82
C LEU B 190 -7.82 -18.38 12.93
N GLU B 191 -8.62 -18.34 13.99
CA GLU B 191 -9.51 -17.20 14.23
C GLU B 191 -8.78 -15.86 14.24
N SER B 192 -7.62 -15.85 14.84
CA SER B 192 -6.80 -14.65 14.90
C SER B 192 -6.52 -14.11 13.51
N LEU B 193 -6.10 -14.99 12.62
CA LEU B 193 -5.80 -14.57 11.24
C LEU B 193 -7.02 -14.01 10.54
N ILE B 194 -8.12 -14.76 10.62
CA ILE B 194 -9.37 -14.36 10.00
C ILE B 194 -9.82 -13.01 10.51
N ARG B 195 -9.70 -12.82 11.81
CA ARG B 195 -10.06 -11.56 12.47
C ARG B 195 -9.14 -10.42 12.07
N GLY B 196 -7.86 -10.72 11.89
CA GLY B 196 -6.91 -9.67 11.51
C GLY B 196 -7.27 -9.16 10.13
N PHE B 197 -7.76 -10.05 9.28
CA PHE B 197 -8.14 -9.65 7.94
C PHE B 197 -9.49 -8.93 7.95
N GLU B 198 -10.39 -9.35 8.85
CA GLU B 198 -11.65 -8.64 9.09
C GLU B 198 -11.38 -7.16 9.38
N VAL B 199 -10.44 -6.91 10.29
CA VAL B 199 -10.14 -5.56 10.75
C VAL B 199 -9.59 -4.64 9.62
N GLN B 200 -8.73 -5.17 8.78
CA GLN B 200 -8.24 -4.47 7.61
C GLN B 200 -9.37 -4.16 6.65
N LEU B 201 -10.12 -5.20 6.33
CA LEU B 201 -11.18 -5.16 5.33
C LEU B 201 -12.28 -4.18 5.78
N THR B 202 -12.54 -4.20 7.08
CA THR B 202 -13.53 -3.37 7.78
C THR B 202 -13.10 -1.94 7.97
N ALA B 203 -11.82 -1.67 7.78
CA ALA B 203 -11.24 -0.35 8.00
C ALA B 203 -11.46 0.13 9.44
N LEU B 204 -11.52 -0.81 10.38
CA LEU B 204 -11.75 -0.51 11.78
C LEU B 204 -10.74 0.47 12.35
N LEU B 205 -9.48 0.33 11.93
CA LEU B 205 -8.38 1.12 12.48
C LEU B 205 -7.87 2.23 11.55
N GLN B 206 -8.63 2.55 10.49
CA GLN B 206 -8.26 3.61 9.52
C GLN B 206 -8.29 5.05 10.14
N ILE B 207 -8.24 6.09 9.27
CA ILE B 207 -8.29 7.51 9.71
C ILE B 207 -9.10 8.37 8.73
N SER C 2 1.13 4.77 20.86
CA SER C 2 2.08 3.83 20.17
C SER C 2 2.97 4.64 19.24
N ARG C 3 3.62 3.96 18.30
CA ARG C 3 4.17 4.62 17.11
C ARG C 3 3.08 5.06 16.12
N LEU C 4 1.83 4.60 16.29
CA LEU C 4 0.73 4.89 15.34
C LEU C 4 -0.59 5.29 16.02
N ASP C 5 -0.58 6.44 16.68
CA ASP C 5 -1.84 7.15 16.98
C ASP C 5 -1.91 8.30 16.00
N LYS C 6 -3.11 8.83 15.79
CA LYS C 6 -3.33 9.76 14.69
C LYS C 6 -2.25 10.87 14.62
N SER C 7 -1.96 11.53 15.75
CA SER C 7 -1.07 12.69 15.74
C SER C 7 0.38 12.41 15.30
N LYS C 8 1.05 11.45 15.92
CA LYS C 8 2.41 11.07 15.52
C LYS C 8 2.46 10.85 14.02
N VAL C 9 1.44 10.20 13.50
CA VAL C 9 1.42 9.80 12.11
C VAL C 9 1.24 10.98 11.20
N ILE C 10 0.32 11.86 11.56
CA ILE C 10 0.07 13.03 10.75
C ILE C 10 1.30 13.96 10.75
N ASN C 11 1.93 14.16 11.91
CA ASN C 11 3.10 15.04 12.01
C ASN C 11 4.24 14.51 11.18
N SER C 12 4.44 13.21 11.27
CA SER C 12 5.49 12.57 10.52
C SER C 12 5.23 12.74 9.00
N ALA C 13 3.98 12.55 8.59
CA ALA C 13 3.58 12.72 7.19
C ALA C 13 3.74 14.15 6.68
N LEU C 14 3.50 15.14 7.52
CA LEU C 14 3.63 16.55 7.13
C LEU C 14 5.09 16.88 6.97
N GLU C 15 5.88 16.35 7.91
CA GLU C 15 7.30 16.54 7.88
C GLU C 15 7.84 15.89 6.64
N LEU C 16 7.34 14.70 6.32
CA LEU C 16 7.76 14.02 5.11
C LEU C 16 7.35 14.85 3.86
N LEU C 17 6.13 15.38 3.88
CA LEU C 17 5.62 16.18 2.78
C LEU C 17 6.60 17.26 2.36
N ASN C 18 7.09 18.02 3.34
CA ASN C 18 8.08 19.06 3.07
C ASN C 18 9.42 18.50 2.57
N GLU C 19 9.80 17.30 2.97
CA GLU C 19 11.06 16.74 2.50
C GLU C 19 10.97 16.26 1.06
N VAL C 20 9.91 15.54 0.71
CA VAL C 20 9.83 14.93 -0.61
C VAL C 20 8.81 15.56 -1.57
N GLY C 21 7.89 16.40 -1.08
CA GLY C 21 6.80 16.92 -1.91
C GLY C 21 5.73 15.87 -2.09
N ILE C 22 4.59 16.28 -2.60
CA ILE C 22 3.42 15.40 -2.65
C ILE C 22 3.61 14.18 -3.60
N GLU C 23 4.30 14.39 -4.72
CA GLU C 23 4.65 13.30 -5.64
C GLU C 23 5.56 12.26 -4.99
N GLY C 24 6.44 12.71 -4.08
CA GLY C 24 7.32 11.79 -3.34
C GLY C 24 6.65 11.05 -2.19
N LEU C 25 5.56 11.59 -1.69
CA LEU C 25 4.90 11.08 -0.51
C LEU C 25 4.24 9.74 -0.80
N THR C 26 4.69 8.68 -0.14
CA THR C 26 4.01 7.40 -0.26
C THR C 26 3.84 6.85 1.09
N THR C 27 2.86 5.98 1.24
CA THR C 27 2.63 5.30 2.51
C THR C 27 3.86 4.48 2.86
N ARG C 28 4.44 3.92 1.82
CA ARG C 28 5.64 3.14 1.94
C ARG C 28 6.80 3.95 2.56
N LYS C 29 7.05 5.15 2.04
CA LYS C 29 8.03 6.07 2.64
C LYS C 29 7.63 6.52 4.07
N LEU C 30 6.33 6.70 4.30
CA LEU C 30 5.84 7.14 5.59
C LEU C 30 6.12 6.10 6.68
N ALA C 31 5.84 4.85 6.34
CA ALA C 31 6.15 3.72 7.21
C ALA C 31 7.62 3.69 7.61
N GLN C 32 8.49 3.94 6.65
CA GLN C 32 9.94 3.98 6.90
C GLN C 32 10.32 5.01 7.93
N LYS C 33 9.77 6.20 7.74
CA LYS C 33 10.04 7.32 8.60
C LYS C 33 9.47 7.08 9.97
N LEU C 34 8.35 6.38 10.04
CA LEU C 34 7.76 6.00 11.32
C LEU C 34 8.48 4.83 12.00
N GLY C 35 9.45 4.22 11.31
CA GLY C 35 10.13 3.03 11.81
C GLY C 35 9.20 1.84 11.97
N VAL C 36 8.28 1.69 11.02
CA VAL C 36 7.35 0.57 11.04
C VAL C 36 7.41 -0.11 9.69
N GLU C 37 6.99 -1.36 9.69
CA GLU C 37 6.83 -2.12 8.47
C GLU C 37 5.63 -1.58 7.71
N GLN C 38 5.68 -1.68 6.39
CA GLN C 38 4.59 -1.25 5.52
C GLN C 38 3.21 -1.79 5.94
N PRO C 39 3.08 -3.13 6.12
CA PRO C 39 1.79 -3.72 6.52
C PRO C 39 1.23 -3.17 7.81
N THR C 40 2.11 -2.82 8.73
CA THR C 40 1.70 -2.20 9.98
C THR C 40 1.05 -0.83 9.76
N LEU C 41 1.60 -0.01 8.87
CA LEU C 41 0.97 1.29 8.58
C LEU C 41 -0.36 1.10 7.85
N TYR C 42 -0.37 0.08 6.98
CA TYR C 42 -1.48 -0.21 6.05
C TYR C 42 -2.82 -0.40 6.74
N TRP C 43 -2.79 -1.02 7.90
CA TRP C 43 -4.01 -1.24 8.67
C TRP C 43 -4.52 0.09 9.25
N HIS C 44 -3.67 1.11 9.33
CA HIS C 44 -4.11 2.46 9.74
C HIS C 44 -4.35 3.41 8.53
N VAL C 45 -3.53 3.25 7.51
CA VAL C 45 -3.60 4.06 6.30
C VAL C 45 -3.58 3.19 5.03
N LYS C 46 -4.73 3.09 4.37
CA LYS C 46 -4.96 2.19 3.23
C LYS C 46 -4.03 2.48 2.06
N ASN C 47 -3.97 3.77 1.70
CA ASN C 47 -3.28 4.25 0.50
C ASN C 47 -3.04 5.74 0.62
N LYS C 48 -2.43 6.31 -0.43
CA LYS C 48 -2.05 7.71 -0.47
C LYS C 48 -3.24 8.70 -0.43
N ARG C 49 -4.34 8.32 -1.07
CA ARG C 49 -5.59 9.09 -1.02
C ARG C 49 -6.07 9.31 0.43
N ALA C 50 -6.11 8.25 1.23
CA ALA C 50 -6.50 8.39 2.63
C ALA C 50 -5.57 9.38 3.33
N LEU C 51 -4.27 9.19 3.12
CA LEU C 51 -3.27 9.99 3.80
C LEU C 51 -3.46 11.50 3.48
N LEU C 52 -3.57 11.80 2.20
CA LEU C 52 -3.75 13.19 1.77
C LEU C 52 -4.98 13.86 2.35
N ASP C 53 -5.99 13.10 2.70
CA ASP C 53 -7.22 13.67 3.23
C ASP C 53 -7.05 14.06 4.68
N ALA C 54 -6.43 13.16 5.44
CA ALA C 54 -6.08 13.46 6.80
C ALA C 54 -5.15 14.67 6.85
N LEU C 55 -4.19 14.73 5.93
CA LEU C 55 -3.24 15.87 5.88
C LEU C 55 -3.94 17.21 5.64
N ALA C 56 -4.85 17.19 4.67
CA ALA C 56 -5.63 18.34 4.33
C ALA C 56 -6.39 18.85 5.54
N ILE C 57 -7.05 17.95 6.27
CA ILE C 57 -7.76 18.29 7.50
C ILE C 57 -6.82 18.90 8.51
N GLU C 58 -5.70 18.23 8.77
CA GLU C 58 -4.80 18.72 9.80
C GLU C 58 -4.33 20.13 9.47
N MET C 59 -4.03 20.42 8.22
CA MET C 59 -3.57 21.77 7.86
C MET C 59 -4.61 22.83 8.18
N LEU C 60 -5.89 22.50 8.00
CA LEU C 60 -6.98 23.42 8.32
C LEU C 60 -7.20 23.59 9.82
N ASP C 61 -7.14 22.47 10.54
CA ASP C 61 -7.34 22.48 11.98
C ASP C 61 -6.27 23.31 12.66
N ARG C 62 -5.07 23.31 12.10
CA ARG C 62 -4.01 24.21 12.57
C ARG C 62 -4.12 25.65 12.12
N HIS C 63 -4.44 25.89 10.85
CA HIS C 63 -4.22 27.21 10.29
C HIS C 63 -5.51 27.96 9.89
N HIS C 64 -6.41 27.29 9.14
CA HIS C 64 -7.69 27.87 8.70
C HIS C 64 -8.56 28.21 9.89
N THR C 65 -8.22 29.33 10.51
CA THR C 65 -8.81 29.67 11.78
C THR C 65 -10.05 30.56 11.60
N HIS C 66 -10.34 30.97 10.36
CA HIS C 66 -11.51 31.81 10.04
C HIS C 66 -12.53 31.05 9.15
N PHE C 67 -12.91 29.90 9.67
CA PHE C 67 -13.79 28.94 9.01
C PHE C 67 -15.22 29.47 8.98
N SER C 68 -15.67 29.98 10.13
CA SER C 68 -17.02 30.49 10.27
C SER C 68 -16.89 31.97 10.70
N PRO C 69 -17.97 32.75 10.53
CA PRO C 69 -17.89 34.19 10.69
C PRO C 69 -17.87 34.63 12.13
N LEU C 70 -17.70 35.93 12.36
CA LEU C 70 -17.61 36.49 13.70
C LEU C 70 -18.86 37.25 14.05
N GLU C 71 -19.30 37.16 15.30
CA GLU C 71 -20.35 38.02 15.78
C GLU C 71 -20.11 39.42 15.20
N GLY C 72 -21.13 40.00 14.57
CA GLY C 72 -21.07 41.38 14.09
C GLY C 72 -20.17 41.63 12.90
N GLU C 73 -19.75 40.58 12.21
CA GLU C 73 -18.89 40.72 11.03
C GLU C 73 -19.74 40.74 9.79
N SER C 74 -19.38 41.58 8.82
CA SER C 74 -20.14 41.69 7.58
C SER C 74 -19.81 40.49 6.70
N TRP C 75 -20.77 40.03 5.90
CA TRP C 75 -20.54 38.85 5.08
C TRP C 75 -19.40 39.03 4.10
N GLN C 76 -19.24 40.26 3.60
CA GLN C 76 -18.10 40.58 2.74
C GLN C 76 -16.77 40.35 3.47
N ASP C 77 -16.68 40.86 4.70
CA ASP C 77 -15.48 40.65 5.47
C ASP C 77 -15.27 39.18 5.76
N PHE C 78 -16.38 38.46 5.96
CA PHE C 78 -16.29 37.05 6.28
C PHE C 78 -15.59 36.36 5.13
N LEU C 79 -16.08 36.58 3.92
CA LEU C 79 -15.50 35.96 2.72
C LEU C 79 -14.06 36.38 2.52
N ARG C 80 -13.80 37.67 2.67
CA ARG C 80 -12.42 38.16 2.72
C ARG C 80 -11.57 37.36 3.73
N ASN C 81 -12.02 37.25 4.98
CA ASN C 81 -11.21 36.58 6.00
C ASN C 81 -11.11 35.09 5.77
N ASN C 82 -12.22 34.48 5.37
CA ASN C 82 -12.24 33.06 5.04
C ASN C 82 -11.23 32.76 3.94
N ALA C 83 -11.20 33.58 2.89
CA ALA C 83 -10.24 33.41 1.79
C ALA C 83 -8.81 33.54 2.24
N LYS C 84 -8.48 34.61 2.94
CA LYS C 84 -7.09 34.87 3.33
C LYS C 84 -6.59 33.79 4.31
N SER C 85 -7.48 33.41 5.23
CA SER C 85 -7.23 32.36 6.22
C SER C 85 -6.98 31.04 5.50
N PHE C 86 -7.83 30.71 4.52
CA PHE C 86 -7.65 29.49 3.72
C PHE C 86 -6.36 29.53 2.94
N ARG C 87 -6.01 30.70 2.42
CA ARG C 87 -4.80 30.84 1.61
C ARG C 87 -3.52 30.64 2.42
N ASN C 88 -3.58 31.09 3.68
CA ASN C 88 -2.51 30.88 4.63
C ASN C 88 -2.34 29.40 4.97
N ALA C 89 -3.45 28.71 5.22
CA ALA C 89 -3.42 27.28 5.41
C ALA C 89 -2.73 26.52 4.26
N LEU C 90 -3.05 26.89 3.02
CA LEU C 90 -2.52 26.19 1.89
C LEU C 90 -1.05 26.47 1.72
N LEU C 91 -0.62 27.68 2.07
CA LEU C 91 0.80 28.11 1.91
C LEU C 91 1.67 27.63 3.05
N SER C 92 1.05 26.97 4.04
CA SER C 92 1.75 26.54 5.25
C SER C 92 2.65 25.32 5.07
N HIS C 93 2.59 24.71 3.88
CA HIS C 93 3.29 23.46 3.63
C HIS C 93 3.63 23.32 2.15
N ARG C 94 4.73 22.61 1.89
CA ARG C 94 5.10 22.32 0.54
C ARG C 94 3.96 21.60 -0.12
N ASP C 95 3.62 22.04 -1.33
CA ASP C 95 2.60 21.42 -2.14
C ASP C 95 1.28 21.38 -1.40
N GLY C 96 1.07 22.35 -0.52
CA GLY C 96 -0.10 22.36 0.34
C GLY C 96 -1.40 22.43 -0.43
N ALA C 97 -1.44 23.25 -1.47
CA ALA C 97 -2.63 23.33 -2.29
C ALA C 97 -2.90 22.00 -2.97
N LYS C 98 -1.86 21.40 -3.53
CA LYS C 98 -1.98 20.07 -4.14
C LYS C 98 -2.46 19.02 -3.14
N VAL C 99 -2.14 19.19 -1.86
CA VAL C 99 -2.64 18.27 -0.84
C VAL C 99 -4.14 18.44 -0.70
N HIS C 100 -4.63 19.68 -0.71
CA HIS C 100 -6.08 19.97 -0.56
C HIS C 100 -6.95 19.63 -1.77
N LEU C 101 -6.34 19.53 -2.94
CA LEU C 101 -7.08 19.09 -4.11
C LEU C 101 -7.81 17.78 -3.81
N GLY C 102 -9.09 17.72 -4.19
CA GLY C 102 -9.86 16.49 -4.06
C GLY C 102 -10.55 16.29 -2.71
N THR C 103 -10.25 17.14 -1.74
CA THR C 103 -10.82 17.05 -0.40
C THR C 103 -12.35 16.86 -0.41
N ARG C 104 -12.82 15.84 0.33
CA ARG C 104 -14.24 15.67 0.61
C ARG C 104 -14.42 15.97 2.09
N PRO C 105 -15.19 17.03 2.42
CA PRO C 105 -15.42 17.36 3.81
C PRO C 105 -15.88 16.16 4.61
N THR C 106 -15.33 16.05 5.81
CA THR C 106 -15.71 14.98 6.72
C THR C 106 -17.02 15.36 7.37
N GLU C 107 -17.71 14.37 7.89
CA GLU C 107 -18.95 14.58 8.65
C GLU C 107 -18.73 15.58 9.79
N LYS C 108 -17.52 15.56 10.35
CA LYS C 108 -17.09 16.50 11.37
C LYS C 108 -17.38 17.95 10.95
N GLN C 109 -16.96 18.31 9.74
CA GLN C 109 -17.01 19.68 9.21
C GLN C 109 -18.40 20.15 8.82
N TYR C 110 -19.35 19.22 8.75
CA TYR C 110 -20.66 19.51 8.20
C TYR C 110 -21.31 20.76 8.83
N GLU C 111 -21.14 20.94 10.14
CA GLU C 111 -21.80 22.05 10.84
C GLU C 111 -21.28 23.40 10.37
N THR C 112 -19.95 23.53 10.26
CA THR C 112 -19.33 24.76 9.77
C THR C 112 -19.91 25.19 8.43
N LEU C 113 -19.99 24.23 7.51
CA LEU C 113 -20.51 24.44 6.16
C LEU C 113 -21.96 24.93 6.22
N GLU C 114 -22.76 24.26 7.03
CA GLU C 114 -24.13 24.70 7.26
C GLU C 114 -24.16 26.13 7.80
N ASN C 115 -23.24 26.49 8.70
CA ASN C 115 -23.18 27.88 9.21
C ASN C 115 -22.81 28.85 8.07
N GLN C 116 -21.92 28.45 7.17
CA GLN C 116 -21.59 29.31 6.04
C GLN C 116 -22.85 29.57 5.20
N LEU C 117 -23.59 28.52 4.87
CA LEU C 117 -24.75 28.65 3.99
C LEU C 117 -25.87 29.43 4.67
N ALA C 118 -26.20 29.02 5.89
CA ALA C 118 -27.22 29.67 6.68
C ALA C 118 -26.94 31.17 6.77
N PHE C 119 -25.66 31.48 7.02
CA PHE C 119 -25.24 32.85 7.24
C PHE C 119 -25.51 33.70 6.03
N LEU C 120 -25.08 33.23 4.86
CA LEU C 120 -25.24 34.01 3.63
C LEU C 120 -26.68 34.11 3.15
N THR C 121 -27.43 33.02 3.27
CA THR C 121 -28.85 33.09 2.94
C THR C 121 -29.53 34.09 3.85
N GLN C 122 -29.11 34.18 5.12
CA GLN C 122 -29.62 35.24 6.01
C GLN C 122 -29.39 36.64 5.44
N GLN C 123 -28.33 36.81 4.65
CA GLN C 123 -28.03 38.12 4.07
C GLN C 123 -28.90 38.46 2.86
N GLY C 124 -29.62 37.49 2.32
CA GLY C 124 -30.48 37.72 1.17
C GLY C 124 -30.15 36.82 0.00
N PHE C 125 -28.99 36.18 0.05
CA PHE C 125 -28.63 35.29 -1.01
C PHE C 125 -29.54 34.11 -1.06
N SER C 126 -29.93 33.69 -2.27
CA SER C 126 -30.54 32.37 -2.43
C SER C 126 -29.49 31.32 -2.09
N LEU C 127 -29.97 30.15 -1.68
CA LEU C 127 -29.08 29.01 -1.42
C LEU C 127 -28.15 28.77 -2.60
N GLU C 128 -28.70 28.82 -3.82
CA GLU C 128 -27.93 28.69 -5.06
C GLU C 128 -26.77 29.71 -5.11
N ASN C 129 -27.09 31.00 -4.95
CA ASN C 129 -26.05 32.04 -5.01
C ASN C 129 -25.06 32.03 -3.85
N ALA C 130 -25.51 31.55 -2.68
CA ALA C 130 -24.60 31.37 -1.56
C ALA C 130 -23.53 30.38 -1.99
N LEU C 131 -24.00 29.26 -2.54
CA LEU C 131 -23.14 28.22 -3.07
C LEU C 131 -22.14 28.69 -4.12
N TYR C 132 -22.66 29.44 -5.08
CA TYR C 132 -21.85 29.96 -6.14
C TYR C 132 -20.74 30.86 -5.65
N ALA C 133 -21.04 31.69 -4.65
CA ALA C 133 -20.08 32.64 -4.08
C ALA C 133 -19.02 31.92 -3.29
N LEU C 134 -19.43 30.97 -2.47
CA LEU C 134 -18.47 30.19 -1.68
C LEU C 134 -17.58 29.36 -2.59
N SER C 135 -18.18 28.71 -3.59
CA SER C 135 -17.40 27.91 -4.53
C SER C 135 -16.41 28.80 -5.30
N ALA C 136 -16.88 29.97 -5.67
CA ALA C 136 -16.04 30.93 -6.40
C ALA C 136 -14.81 31.43 -5.60
N VAL C 137 -15.05 31.85 -4.37
CA VAL C 137 -13.93 32.25 -3.52
C VAL C 137 -12.99 31.07 -3.30
N GLY C 138 -13.56 29.87 -3.08
CA GLY C 138 -12.78 28.67 -2.78
C GLY C 138 -11.89 28.23 -3.93
N HIS C 139 -12.45 28.15 -5.12
CA HIS C 139 -11.70 27.75 -6.28
C HIS C 139 -10.66 28.79 -6.74
N PHE C 140 -10.97 30.07 -6.55
CA PHE C 140 -10.06 31.14 -6.93
C PHE C 140 -8.85 31.15 -6.00
N THR C 141 -9.08 30.93 -4.72
CA THR C 141 -8.02 30.87 -3.72
C THR C 141 -7.15 29.63 -3.91
N LEU C 142 -7.77 28.47 -4.09
CA LEU C 142 -7.01 27.25 -4.35
C LEU C 142 -6.22 27.37 -5.66
N GLY C 143 -6.89 27.86 -6.68
CA GLY C 143 -6.26 28.01 -7.97
C GLY C 143 -5.11 28.98 -7.89
N SER C 144 -5.24 29.99 -7.04
CA SER C 144 -4.18 31.00 -6.86
C SER C 144 -2.94 30.43 -6.19
N VAL C 145 -3.11 29.61 -5.17
CA VAL C 145 -1.94 29.05 -4.48
C VAL C 145 -1.31 27.91 -5.28
N LEU C 146 -2.12 27.10 -5.93
CA LEU C 146 -1.55 26.02 -6.73
C LEU C 146 -0.58 26.55 -7.78
N GLU C 147 -0.98 27.62 -8.47
CA GLU C 147 -0.12 28.23 -9.47
C GLU C 147 1.11 28.83 -8.84
N ASP C 148 0.92 29.60 -7.76
CA ASP C 148 2.05 30.18 -7.03
C ASP C 148 3.09 29.10 -6.66
N GLN C 149 2.62 28.00 -6.09
CA GLN C 149 3.49 26.97 -5.53
C GLN C 149 4.19 26.19 -6.64
N GLU C 150 3.56 26.13 -7.81
CA GLU C 150 4.08 25.34 -8.91
C GLU C 150 5.09 26.15 -9.69
N HIS C 151 4.77 27.40 -9.96
CA HIS C 151 5.70 28.24 -10.68
C HIS C 151 7.00 28.30 -9.90
N GLN C 152 6.92 28.20 -8.57
CA GLN C 152 8.09 28.25 -7.73
C GLN C 152 8.91 26.97 -7.66
N VAL C 153 8.40 25.86 -8.18
CA VAL C 153 9.30 24.75 -8.46
C VAL C 153 9.82 24.87 -9.90
N ALA C 154 8.95 25.23 -10.83
CA ALA C 154 9.32 25.30 -12.25
C ALA C 154 10.37 26.34 -12.60
N LYS C 155 10.50 27.40 -11.79
CA LYS C 155 11.49 28.45 -12.06
C LYS C 155 12.94 27.97 -11.83
N GLU C 156 13.09 26.83 -11.17
CA GLU C 156 14.39 26.18 -10.95
C GLU C 156 14.74 25.18 -12.05
N GLU C 157 13.73 24.67 -12.74
CA GLU C 157 13.91 23.61 -13.71
C GLU C 157 13.93 24.16 -15.15
N ARG C 158 14.26 25.44 -15.29
CA ARG C 158 14.57 25.98 -16.60
C ARG C 158 15.38 27.26 -16.50
N GLU C 159 15.94 27.63 -17.65
CA GLU C 159 16.76 28.85 -17.81
C GLU C 159 16.05 30.12 -17.35
N THR C 160 16.81 31.20 -17.29
CA THR C 160 16.38 32.41 -16.61
C THR C 160 15.53 33.32 -17.55
N PRO C 161 14.87 34.36 -16.98
CA PRO C 161 14.34 35.58 -17.65
C PRO C 161 14.97 36.08 -18.96
N THR C 162 14.20 35.94 -20.05
CA THR C 162 14.45 36.66 -21.31
C THR C 162 13.62 37.97 -21.33
N THR C 163 13.97 38.89 -20.42
CA THR C 163 13.22 40.13 -20.21
C THR C 163 13.29 41.13 -21.38
N ASP C 164 14.12 40.85 -22.37
CA ASP C 164 14.54 41.87 -23.35
C ASP C 164 13.89 41.66 -24.73
N SER C 165 13.33 40.48 -24.93
CA SER C 165 12.47 40.21 -26.07
C SER C 165 11.11 40.94 -25.94
N MET C 166 10.76 41.31 -24.71
CA MET C 166 9.38 41.65 -24.38
C MET C 166 8.89 42.98 -24.88
N PRO C 167 7.64 43.01 -25.37
CA PRO C 167 7.02 44.27 -25.75
C PRO C 167 6.73 45.17 -24.53
N PRO C 168 6.49 46.47 -24.77
CA PRO C 168 6.41 47.49 -23.72
C PRO C 168 5.54 47.14 -22.50
N LEU C 169 4.25 46.86 -22.74
CA LEU C 169 3.29 46.68 -21.65
C LEU C 169 3.53 45.41 -20.84
N LEU C 170 4.00 44.37 -21.52
CA LEU C 170 4.26 43.10 -20.87
C LEU C 170 5.44 43.23 -19.91
N ARG C 171 6.48 43.92 -20.36
CA ARG C 171 7.66 44.14 -19.56
C ARG C 171 7.28 44.90 -18.30
N GLN C 172 6.49 45.96 -18.46
CA GLN C 172 5.95 46.69 -17.33
C GLN C 172 5.12 45.80 -16.41
N ALA C 173 4.35 44.87 -16.99
CA ALA C 173 3.62 43.91 -16.18
C ALA C 173 4.56 43.04 -15.38
N ILE C 174 5.52 42.45 -16.06
CA ILE C 174 6.48 41.59 -15.39
C ILE C 174 7.18 42.38 -14.28
N GLU C 175 7.64 43.58 -14.59
CA GLU C 175 8.32 44.38 -13.58
C GLU C 175 7.46 44.56 -12.34
N LEU C 176 6.17 44.85 -12.54
CA LEU C 176 5.24 44.95 -11.43
C LEU C 176 5.34 43.68 -10.60
N PHE C 177 5.22 42.54 -11.26
CA PHE C 177 5.10 41.27 -10.56
C PHE C 177 6.21 40.97 -9.58
N ASP C 178 7.45 40.97 -10.03
CA ASP C 178 8.57 40.66 -9.14
C ASP C 178 8.96 41.86 -8.28
N HIS C 179 8.28 42.98 -8.46
CA HIS C 179 8.32 44.08 -7.50
C HIS C 179 7.38 43.73 -6.36
N GLN C 180 6.17 43.23 -6.67
CA GLN C 180 5.10 43.04 -5.66
C GLN C 180 4.63 41.59 -5.35
N GLY C 181 5.09 40.59 -6.08
CA GLY C 181 4.63 39.22 -5.88
C GLY C 181 3.14 39.01 -6.16
N ALA C 182 2.60 37.94 -5.57
CA ALA C 182 1.29 37.42 -5.95
C ALA C 182 0.13 37.94 -5.09
N GLU C 183 0.43 38.54 -3.94
CA GLU C 183 -0.62 38.86 -2.97
C GLU C 183 -1.57 39.95 -3.45
N PRO C 184 -1.01 41.06 -3.95
CA PRO C 184 -1.87 42.15 -4.41
C PRO C 184 -2.81 41.72 -5.51
N ALA C 185 -2.35 40.80 -6.35
CA ALA C 185 -3.23 40.21 -7.37
C ALA C 185 -4.37 39.45 -6.70
N PHE C 186 -4.03 38.64 -5.70
CA PHE C 186 -5.03 37.85 -5.00
C PHE C 186 -6.05 38.74 -4.32
N LEU C 187 -5.57 39.76 -3.60
CA LEU C 187 -6.47 40.62 -2.83
C LEU C 187 -7.42 41.41 -3.72
N HIS C 188 -6.91 41.89 -4.85
CA HIS C 188 -7.70 42.61 -5.82
C HIS C 188 -8.68 41.67 -6.49
N GLY C 189 -8.26 40.44 -6.80
CA GLY C 189 -9.17 39.46 -7.37
C GLY C 189 -10.29 39.13 -6.41
N LEU C 190 -9.93 39.07 -5.13
CA LEU C 190 -10.89 38.82 -4.06
C LEU C 190 -11.95 39.90 -4.05
N GLU C 191 -11.50 41.14 -4.11
CA GLU C 191 -12.42 42.27 -4.16
C GLU C 191 -13.37 42.16 -5.37
N SER C 192 -12.84 41.84 -6.54
CA SER C 192 -13.70 41.69 -7.71
C SER C 192 -14.83 40.72 -7.38
N LEU C 193 -14.52 39.59 -6.75
CA LEU C 193 -15.55 38.61 -6.44
C LEU C 193 -16.59 39.18 -5.52
N ILE C 194 -16.16 39.86 -4.48
CA ILE C 194 -17.11 40.44 -3.55
C ILE C 194 -18.04 41.43 -4.27
N ARG C 195 -17.48 42.30 -5.12
CA ARG C 195 -18.33 43.31 -5.80
C ARG C 195 -19.35 42.54 -6.64
N GLY C 196 -18.89 41.49 -7.31
CA GLY C 196 -19.77 40.62 -8.11
C GLY C 196 -20.87 39.95 -7.31
N PHE C 197 -20.58 39.50 -6.10
CA PHE C 197 -21.59 38.94 -5.22
C PHE C 197 -22.58 40.04 -4.84
N GLU C 198 -22.09 41.25 -4.62
CA GLU C 198 -22.98 42.34 -4.26
C GLU C 198 -23.91 42.62 -5.43
N VAL C 199 -23.36 42.61 -6.63
CA VAL C 199 -24.16 42.78 -7.84
C VAL C 199 -25.30 41.76 -7.91
N GLN C 200 -25.05 40.52 -7.50
CA GLN C 200 -26.13 39.54 -7.41
C GLN C 200 -27.10 39.84 -6.30
N LEU C 201 -26.59 40.21 -5.12
CA LEU C 201 -27.50 40.57 -4.03
C LEU C 201 -28.53 41.54 -4.53
N THR C 202 -28.03 42.60 -5.17
CA THR C 202 -28.83 43.70 -5.64
C THR C 202 -29.56 43.52 -6.98
N ALA C 203 -29.16 42.56 -7.83
CA ALA C 203 -29.86 42.30 -9.11
C ALA C 203 -31.16 41.54 -8.90
N LEU C 204 -32.16 41.79 -9.73
CA LEU C 204 -33.45 41.14 -9.56
C LEU C 204 -33.45 39.69 -10.03
N LEU C 205 -32.52 39.37 -10.92
CA LEU C 205 -32.42 38.03 -11.51
C LEU C 205 -30.95 37.61 -11.57
N GLN C 206 -30.65 36.52 -12.26
CA GLN C 206 -29.40 35.80 -12.05
C GLN C 206 -28.07 36.46 -12.51
N ILE C 207 -27.82 36.59 -13.81
CA ILE C 207 -26.47 36.90 -14.41
C ILE C 207 -25.80 35.64 -15.02
N ARG D 3 9.56 10.73 -38.33
CA ARG D 3 8.96 10.23 -37.06
C ARG D 3 9.46 10.98 -35.80
N LEU D 4 10.11 12.12 -36.00
CA LEU D 4 10.37 13.05 -34.89
C LEU D 4 9.83 14.44 -35.21
N ASP D 5 9.07 14.58 -36.29
CA ASP D 5 8.50 15.86 -36.66
C ASP D 5 7.74 16.35 -35.45
N LYS D 6 7.77 17.66 -35.19
CA LYS D 6 7.25 18.21 -33.93
C LYS D 6 5.85 17.70 -33.54
N SER D 7 4.89 17.79 -34.45
CA SER D 7 3.51 17.48 -34.09
C SER D 7 3.32 16.00 -33.85
N LYS D 8 4.14 15.16 -34.49
CA LYS D 8 4.15 13.72 -34.24
C LYS D 8 4.54 13.46 -32.79
N VAL D 9 5.62 14.11 -32.36
CA VAL D 9 6.13 13.94 -30.99
C VAL D 9 5.06 14.41 -30.02
N ILE D 10 4.48 15.56 -30.33
CA ILE D 10 3.48 16.15 -29.46
C ILE D 10 2.24 15.29 -29.27
N ASN D 11 1.58 14.92 -30.35
CA ASN D 11 0.31 14.22 -30.15
C ASN D 11 0.51 12.76 -29.69
N SER D 12 1.67 12.19 -29.96
CA SER D 12 2.06 10.95 -29.30
C SER D 12 2.20 11.17 -27.78
N ALA D 13 2.76 12.32 -27.42
CA ALA D 13 2.86 12.72 -26.02
C ALA D 13 1.51 12.93 -25.38
N LEU D 14 0.55 13.47 -26.12
CA LEU D 14 -0.80 13.69 -25.57
C LEU D 14 -1.53 12.36 -25.34
N GLU D 15 -1.38 11.40 -26.24
CA GLU D 15 -2.05 10.11 -26.02
C GLU D 15 -1.33 9.33 -24.92
N LEU D 16 -0.05 9.57 -24.70
CA LEU D 16 0.63 9.00 -23.55
C LEU D 16 0.06 9.64 -22.27
N LEU D 17 -0.11 10.97 -22.31
CA LEU D 17 -0.72 11.72 -21.22
C LEU D 17 -2.10 11.18 -20.86
N ASN D 18 -2.88 10.85 -21.88
CA ASN D 18 -4.21 10.27 -21.63
C ASN D 18 -4.06 8.84 -21.12
N GLU D 19 -3.10 8.11 -21.68
CA GLU D 19 -2.89 6.72 -21.31
C GLU D 19 -2.46 6.57 -19.85
N VAL D 20 -1.45 7.34 -19.46
CA VAL D 20 -0.79 7.06 -18.19
C VAL D 20 -0.87 8.21 -17.20
N GLY D 21 -1.40 9.36 -17.60
CA GLY D 21 -1.52 10.52 -16.70
C GLY D 21 -0.22 11.30 -16.43
N ILE D 22 -0.37 12.51 -15.87
CA ILE D 22 0.77 13.41 -15.70
C ILE D 22 1.90 12.85 -14.81
N GLU D 23 1.55 12.03 -13.82
CA GLU D 23 2.56 11.41 -12.97
C GLU D 23 3.29 10.32 -13.72
N GLY D 24 2.58 9.47 -14.46
CA GLY D 24 3.22 8.40 -15.22
C GLY D 24 4.08 8.85 -16.42
N LEU D 25 3.93 10.11 -16.80
CA LEU D 25 4.52 10.67 -17.99
C LEU D 25 6.03 10.88 -17.82
N THR D 26 6.82 10.16 -18.60
CA THR D 26 8.27 10.28 -18.56
C THR D 26 8.77 10.29 -19.97
N THR D 27 9.94 10.88 -20.21
CA THR D 27 10.52 10.88 -21.55
C THR D 27 10.87 9.47 -22.00
N ARG D 28 11.24 8.65 -21.05
CA ARG D 28 11.55 7.28 -21.33
C ARG D 28 10.33 6.62 -21.98
N LYS D 29 9.17 6.71 -21.34
CA LYS D 29 7.95 6.15 -21.94
C LYS D 29 7.58 6.79 -23.29
N LEU D 30 7.85 8.09 -23.42
CA LEU D 30 7.60 8.81 -24.67
C LEU D 30 8.48 8.24 -25.78
N ALA D 31 9.75 8.08 -25.46
CA ALA D 31 10.70 7.51 -26.38
C ALA D 31 10.19 6.13 -26.80
N GLN D 32 9.74 5.36 -25.82
CA GLN D 32 9.15 4.04 -26.12
C GLN D 32 7.96 4.12 -27.06
N LYS D 33 7.01 5.01 -26.79
CA LYS D 33 5.83 5.13 -27.63
C LYS D 33 6.18 5.54 -29.08
N LEU D 34 7.27 6.29 -29.26
CA LEU D 34 7.75 6.66 -30.60
C LEU D 34 8.68 5.60 -31.16
N GLY D 35 9.20 4.73 -30.28
CA GLY D 35 10.07 3.66 -30.69
C GLY D 35 11.40 4.19 -31.17
N VAL D 36 11.75 5.39 -30.70
CA VAL D 36 13.07 5.96 -30.93
C VAL D 36 13.83 5.81 -29.62
N GLU D 37 15.14 5.79 -29.73
CA GLU D 37 16.03 5.77 -28.59
C GLU D 37 16.02 7.08 -27.80
N GLN D 38 16.32 6.96 -26.52
CA GLN D 38 16.23 8.08 -25.61
C GLN D 38 17.29 9.15 -25.85
N PRO D 39 18.54 8.76 -26.10
CA PRO D 39 19.56 9.71 -26.56
C PRO D 39 19.11 10.65 -27.69
N THR D 40 18.38 10.12 -28.69
CA THR D 40 17.87 10.99 -29.78
C THR D 40 16.74 11.88 -29.28
N LEU D 41 15.76 11.32 -28.58
CA LEU D 41 14.67 12.14 -28.01
C LEU D 41 15.15 13.30 -27.16
N TYR D 42 16.20 13.08 -26.40
CA TYR D 42 16.78 14.15 -25.60
C TYR D 42 17.03 15.45 -26.39
N TRP D 43 17.38 15.33 -27.67
CA TRP D 43 17.60 16.50 -28.52
C TRP D 43 16.31 17.18 -28.94
N HIS D 44 15.16 16.60 -28.62
CA HIS D 44 13.90 17.21 -28.97
C HIS D 44 13.05 17.55 -27.74
N VAL D 45 13.11 16.70 -26.72
CA VAL D 45 12.46 16.94 -25.45
C VAL D 45 13.52 16.65 -24.38
N LYS D 46 14.09 17.72 -23.84
CA LYS D 46 15.21 17.62 -22.94
C LYS D 46 14.87 16.88 -21.65
N ASN D 47 13.61 17.03 -21.21
CA ASN D 47 13.13 16.51 -19.92
C ASN D 47 11.62 16.75 -19.75
N LYS D 48 11.08 16.27 -18.64
CA LYS D 48 9.65 16.38 -18.37
C LYS D 48 9.15 17.82 -18.27
N ARG D 49 9.96 18.72 -17.79
CA ARG D 49 9.51 20.10 -17.66
C ARG D 49 9.31 20.69 -19.05
N ALA D 50 10.27 20.47 -19.92
CA ALA D 50 10.11 20.85 -21.31
C ALA D 50 8.88 20.17 -21.97
N LEU D 51 8.61 18.91 -21.63
CA LEU D 51 7.46 18.20 -22.20
C LEU D 51 6.13 18.82 -21.77
N LEU D 52 6.00 19.10 -20.48
CA LEU D 52 4.78 19.73 -19.95
C LEU D 52 4.53 21.09 -20.58
N ASP D 53 5.58 21.90 -20.68
CA ASP D 53 5.47 23.19 -21.36
C ASP D 53 4.98 22.97 -22.79
N ALA D 54 5.48 21.95 -23.48
CA ALA D 54 5.10 21.74 -24.89
C ALA D 54 3.64 21.32 -25.04
N LEU D 55 3.23 20.37 -24.21
CA LEU D 55 1.84 19.90 -24.17
C LEU D 55 0.87 21.04 -23.91
N ALA D 56 1.17 21.82 -22.88
CA ALA D 56 0.37 22.98 -22.54
C ALA D 56 0.12 23.83 -23.78
N ILE D 57 1.18 24.35 -24.37
CA ILE D 57 1.08 25.23 -25.50
C ILE D 57 0.30 24.57 -26.62
N GLU D 58 0.40 23.26 -26.74
CA GLU D 58 -0.30 22.59 -27.81
C GLU D 58 -1.80 22.44 -27.55
N MET D 59 -2.17 22.14 -26.32
CA MET D 59 -3.59 22.05 -25.97
C MET D 59 -4.27 23.39 -26.26
N LEU D 60 -3.57 24.49 -26.01
CA LEU D 60 -4.10 25.82 -26.29
C LEU D 60 -4.20 26.03 -27.80
N ASP D 61 -3.09 25.77 -28.50
CA ASP D 61 -3.08 25.83 -29.95
C ASP D 61 -4.25 25.10 -30.54
N ARG D 62 -4.63 23.96 -29.96
CA ARG D 62 -5.78 23.24 -30.47
C ARG D 62 -7.09 23.90 -30.08
N HIS D 63 -7.26 24.18 -28.80
CA HIS D 63 -8.60 24.50 -28.30
C HIS D 63 -8.81 25.96 -27.85
N HIS D 64 -7.79 26.61 -27.29
CA HIS D 64 -7.93 28.00 -26.85
C HIS D 64 -8.04 28.88 -28.07
N THR D 65 -9.21 28.83 -28.70
CA THR D 65 -9.45 29.54 -29.94
C THR D 65 -9.78 31.01 -29.70
N HIS D 66 -10.27 31.37 -28.51
CA HIS D 66 -10.56 32.77 -28.21
C HIS D 66 -9.43 33.38 -27.39
N PHE D 67 -8.21 33.26 -27.90
CA PHE D 67 -7.02 33.78 -27.22
C PHE D 67 -7.01 35.31 -27.22
N SER D 68 -7.54 35.91 -28.28
CA SER D 68 -7.43 37.35 -28.49
C SER D 68 -8.78 38.07 -28.65
N PRO D 69 -8.82 39.33 -28.20
CA PRO D 69 -10.00 40.15 -28.41
C PRO D 69 -10.19 40.44 -29.88
N LEU D 70 -11.12 39.75 -30.51
CA LEU D 70 -11.43 40.04 -31.90
C LEU D 70 -12.24 41.32 -31.99
N GLU D 71 -12.12 41.98 -33.15
CA GLU D 71 -13.02 43.04 -33.62
C GLU D 71 -13.58 44.00 -32.54
N GLY D 72 -14.87 44.34 -32.60
CA GLY D 72 -15.50 45.24 -31.62
C GLY D 72 -16.08 44.55 -30.38
N GLU D 73 -15.50 43.40 -30.03
CA GLU D 73 -15.88 42.64 -28.83
C GLU D 73 -15.67 43.51 -27.61
N SER D 74 -16.65 43.58 -26.73
CA SER D 74 -16.47 44.27 -25.46
C SER D 74 -15.39 43.56 -24.61
N TRP D 75 -14.74 44.29 -23.71
CA TRP D 75 -13.80 43.63 -22.80
C TRP D 75 -14.51 42.53 -22.00
N GLN D 76 -15.74 42.79 -21.58
CA GLN D 76 -16.52 41.77 -20.84
C GLN D 76 -16.73 40.52 -21.67
N ASP D 77 -17.12 40.70 -22.94
CA ASP D 77 -17.31 39.53 -23.80
C ASP D 77 -16.00 38.80 -23.91
N PHE D 78 -14.93 39.56 -24.15
CA PHE D 78 -13.62 38.96 -24.31
C PHE D 78 -13.25 38.10 -23.11
N LEU D 79 -13.28 38.68 -21.90
CA LEU D 79 -12.97 37.90 -20.69
C LEU D 79 -13.83 36.65 -20.55
N ARG D 80 -15.12 36.78 -20.83
CA ARG D 80 -16.01 35.65 -20.76
C ARG D 80 -15.57 34.57 -21.71
N ASN D 81 -15.42 34.92 -22.98
CA ASN D 81 -15.06 33.93 -23.98
C ASN D 81 -13.69 33.38 -23.77
N ASN D 82 -12.75 34.25 -23.43
CA ASN D 82 -11.38 33.81 -23.10
C ASN D 82 -11.37 32.72 -22.04
N ALA D 83 -12.11 32.94 -20.97
CA ALA D 83 -12.21 31.97 -19.89
C ALA D 83 -12.88 30.63 -20.30
N LYS D 84 -14.01 30.69 -20.99
CA LYS D 84 -14.73 29.49 -21.45
C LYS D 84 -13.86 28.65 -22.40
N SER D 85 -13.09 29.35 -23.24
CA SER D 85 -12.17 28.76 -24.23
C SER D 85 -10.96 28.11 -23.57
N PHE D 86 -10.41 28.82 -22.60
CA PHE D 86 -9.31 28.36 -21.78
C PHE D 86 -9.70 27.06 -21.06
N ARG D 87 -10.92 27.05 -20.53
CA ARG D 87 -11.44 25.91 -19.80
C ARG D 87 -11.55 24.65 -20.67
N ASN D 88 -12.10 24.81 -21.89
CA ASN D 88 -12.24 23.68 -22.79
C ASN D 88 -10.89 23.04 -23.10
N ALA D 89 -9.91 23.87 -23.43
CA ALA D 89 -8.55 23.41 -23.60
C ALA D 89 -8.05 22.60 -22.37
N LEU D 90 -8.31 23.09 -21.16
CA LEU D 90 -7.89 22.35 -19.95
C LEU D 90 -8.63 20.99 -19.77
N LEU D 91 -9.91 20.93 -20.11
CA LEU D 91 -10.68 19.70 -19.99
C LEU D 91 -10.44 18.73 -21.14
N SER D 92 -9.70 19.15 -22.16
CA SER D 92 -9.55 18.34 -23.39
C SER D 92 -8.63 17.12 -23.23
N HIS D 93 -7.83 17.10 -22.17
CA HIS D 93 -6.97 15.97 -21.85
C HIS D 93 -6.94 15.65 -20.35
N ARG D 94 -6.60 14.39 -20.06
CA ARG D 94 -6.44 13.90 -18.71
C ARG D 94 -5.40 14.75 -18.00
N ASP D 95 -5.67 15.07 -16.73
CA ASP D 95 -4.77 15.90 -15.92
C ASP D 95 -4.40 17.17 -16.66
N GLY D 96 -5.25 17.58 -17.59
CA GLY D 96 -4.92 18.67 -18.50
C GLY D 96 -4.58 19.96 -17.80
N ALA D 97 -5.28 20.21 -16.68
CA ALA D 97 -5.09 21.42 -15.91
C ALA D 97 -3.79 21.40 -15.14
N LYS D 98 -3.44 20.24 -14.59
CA LYS D 98 -2.14 20.09 -13.93
C LYS D 98 -1.02 20.32 -14.91
N VAL D 99 -1.17 19.86 -16.15
CA VAL D 99 -0.13 20.06 -17.16
C VAL D 99 0.10 21.56 -17.35
N HIS D 100 -0.98 22.33 -17.33
CA HIS D 100 -0.87 23.77 -17.52
C HIS D 100 -0.30 24.50 -16.34
N LEU D 101 -0.39 23.91 -15.15
CA LEU D 101 0.20 24.50 -13.97
C LEU D 101 1.63 24.90 -14.23
N GLY D 102 2.03 26.08 -13.80
CA GLY D 102 3.43 26.47 -13.89
C GLY D 102 3.93 26.73 -15.29
N THR D 103 3.03 27.22 -16.14
CA THR D 103 3.31 27.41 -17.55
C THR D 103 3.92 28.80 -17.79
N ARG D 104 5.21 28.79 -18.09
CA ARG D 104 5.97 29.95 -18.58
C ARG D 104 5.66 30.17 -20.05
N PRO D 105 5.03 31.31 -20.36
CA PRO D 105 4.80 31.66 -21.75
C PRO D 105 6.08 31.87 -22.50
N THR D 106 6.16 31.29 -23.70
CA THR D 106 7.34 31.44 -24.54
C THR D 106 7.24 32.66 -25.45
N GLU D 107 8.38 32.95 -26.07
CA GLU D 107 8.55 34.11 -26.90
C GLU D 107 7.39 34.39 -27.86
N LYS D 108 6.77 33.35 -28.42
CA LYS D 108 5.74 33.57 -29.45
C LYS D 108 4.53 34.30 -28.89
N GLN D 109 4.14 33.92 -27.68
CA GLN D 109 2.85 34.37 -27.15
C GLN D 109 2.85 35.81 -26.67
N TYR D 110 4.03 36.44 -26.66
CA TYR D 110 4.18 37.83 -26.26
C TYR D 110 3.23 38.70 -27.09
N GLU D 111 3.23 38.45 -28.40
CA GLU D 111 2.26 39.04 -29.34
C GLU D 111 0.81 39.00 -28.78
N THR D 112 0.31 37.79 -28.55
CA THR D 112 -1.04 37.57 -28.04
C THR D 112 -1.26 38.31 -26.72
N LEU D 113 -0.36 38.06 -25.76
CA LEU D 113 -0.49 38.64 -24.41
C LEU D 113 -0.44 40.16 -24.43
N GLU D 114 0.51 40.73 -25.17
CA GLU D 114 0.61 42.18 -25.29
C GLU D 114 -0.71 42.76 -25.80
N ASN D 115 -1.33 42.06 -26.74
CA ASN D 115 -2.65 42.46 -27.26
C ASN D 115 -3.75 42.48 -26.20
N GLN D 116 -3.78 41.46 -25.36
CA GLN D 116 -4.75 41.42 -24.28
C GLN D 116 -4.59 42.66 -23.40
N LEU D 117 -3.37 42.93 -22.96
CA LEU D 117 -3.12 44.11 -22.13
C LEU D 117 -3.51 45.41 -22.86
N ALA D 118 -3.03 45.57 -24.08
CA ALA D 118 -3.31 46.80 -24.83
C ALA D 118 -4.81 47.01 -24.92
N PHE D 119 -5.53 45.95 -25.29
CA PHE D 119 -6.97 46.02 -25.46
C PHE D 119 -7.66 46.53 -24.21
N LEU D 120 -7.40 45.87 -23.09
CA LEU D 120 -8.03 46.24 -21.83
C LEU D 120 -7.68 47.67 -21.40
N THR D 121 -6.44 48.08 -21.61
CA THR D 121 -6.04 49.47 -21.32
C THR D 121 -6.71 50.49 -22.25
N GLN D 122 -6.96 50.14 -23.52
CA GLN D 122 -7.81 50.99 -24.42
C GLN D 122 -9.15 51.21 -23.75
N GLN D 123 -9.72 50.11 -23.27
CA GLN D 123 -11.07 50.11 -22.73
C GLN D 123 -11.15 50.78 -21.36
N GLY D 124 -10.00 51.19 -20.83
CA GLY D 124 -9.94 52.07 -19.69
C GLY D 124 -9.52 51.42 -18.40
N PHE D 125 -8.88 50.26 -18.47
CA PHE D 125 -8.21 49.71 -17.30
C PHE D 125 -6.86 50.41 -17.12
N SER D 126 -6.46 50.64 -15.87
CA SER D 126 -5.06 50.86 -15.56
C SER D 126 -4.41 49.53 -15.81
N LEU D 127 -3.16 49.58 -16.23
CA LEU D 127 -2.39 48.38 -16.54
C LEU D 127 -2.43 47.44 -15.33
N GLU D 128 -2.17 47.98 -14.15
CA GLU D 128 -2.28 47.22 -12.92
C GLU D 128 -3.61 46.48 -12.85
N ASN D 129 -4.70 47.17 -13.11
CA ASN D 129 -6.01 46.51 -13.02
C ASN D 129 -6.28 45.57 -14.18
N ALA D 130 -5.76 45.89 -15.35
CA ALA D 130 -5.84 44.97 -16.48
C ALA D 130 -5.25 43.64 -16.07
N LEU D 131 -4.07 43.70 -15.47
CA LEU D 131 -3.36 42.52 -14.98
C LEU D 131 -4.20 41.68 -14.00
N TYR D 132 -4.74 42.34 -12.99
CA TYR D 132 -5.47 41.67 -11.95
C TYR D 132 -6.76 41.05 -12.46
N ALA D 133 -7.39 41.61 -13.48
CA ALA D 133 -8.59 40.99 -14.07
C ALA D 133 -8.20 39.72 -14.83
N LEU D 134 -7.20 39.85 -15.69
CA LEU D 134 -6.67 38.73 -16.44
C LEU D 134 -6.23 37.62 -15.50
N SER D 135 -5.46 37.99 -14.49
CA SER D 135 -4.96 37.02 -13.55
C SER D 135 -6.12 36.34 -12.81
N ALA D 136 -7.10 37.12 -12.38
CA ALA D 136 -8.23 36.58 -11.63
C ALA D 136 -9.03 35.56 -12.44
N VAL D 137 -9.25 35.89 -13.70
CA VAL D 137 -10.00 35.02 -14.57
C VAL D 137 -9.25 33.68 -14.78
N GLY D 138 -7.95 33.75 -15.08
CA GLY D 138 -7.13 32.56 -15.31
C GLY D 138 -6.99 31.64 -14.09
N HIS D 139 -6.82 32.24 -12.92
CA HIS D 139 -6.67 31.44 -11.71
C HIS D 139 -7.97 30.79 -11.26
N PHE D 140 -9.05 31.54 -11.37
CA PHE D 140 -10.37 30.99 -11.10
C PHE D 140 -10.66 29.84 -12.06
N THR D 141 -10.38 30.07 -13.34
CA THR D 141 -10.64 29.06 -14.35
C THR D 141 -9.78 27.84 -14.09
N LEU D 142 -8.47 28.07 -13.91
CA LEU D 142 -7.56 26.96 -13.67
C LEU D 142 -7.92 26.22 -12.38
N GLY D 143 -8.26 26.96 -11.32
CA GLY D 143 -8.73 26.36 -10.08
C GLY D 143 -9.96 25.46 -10.26
N SER D 144 -10.96 25.96 -10.98
CA SER D 144 -12.18 25.17 -11.19
C SER D 144 -11.84 23.83 -11.80
N VAL D 145 -11.00 23.85 -12.81
CA VAL D 145 -10.74 22.65 -13.59
C VAL D 145 -9.83 21.63 -12.85
N LEU D 146 -8.81 22.12 -12.16
CA LEU D 146 -8.00 21.23 -11.30
C LEU D 146 -8.91 20.44 -10.34
N GLU D 147 -9.82 21.15 -9.69
CA GLU D 147 -10.67 20.56 -8.68
C GLU D 147 -11.65 19.59 -9.29
N ASP D 148 -12.20 19.97 -10.44
CA ASP D 148 -13.12 19.12 -11.14
C ASP D 148 -12.37 17.88 -11.53
N GLN D 149 -11.20 18.06 -12.13
CA GLN D 149 -10.38 16.92 -12.54
C GLN D 149 -9.94 16.04 -11.35
N GLU D 150 -9.44 16.64 -10.27
CA GLU D 150 -9.00 15.83 -9.12
C GLU D 150 -10.17 15.10 -8.45
N HIS D 151 -11.30 15.75 -8.31
CA HIS D 151 -12.47 15.05 -7.76
C HIS D 151 -12.99 13.95 -8.67
N GLN D 152 -12.75 14.05 -9.97
CA GLN D 152 -13.14 12.97 -10.87
C GLN D 152 -12.32 11.73 -10.56
N VAL D 153 -11.03 11.90 -10.42
CA VAL D 153 -10.13 10.80 -10.06
C VAL D 153 -10.38 10.33 -8.62
N ALA D 154 -10.46 11.27 -7.69
CA ALA D 154 -10.51 10.96 -6.26
C ALA D 154 -11.76 10.21 -5.84
N LYS D 155 -12.91 10.59 -6.38
CA LYS D 155 -14.21 9.99 -6.02
C LYS D 155 -14.23 8.49 -6.23
N GLU D 156 -13.39 8.01 -7.15
CA GLU D 156 -13.28 6.58 -7.48
C GLU D 156 -12.17 5.94 -6.60
N GLU D 157 -12.05 6.42 -5.36
CA GLU D 157 -11.12 5.90 -4.37
C GLU D 157 -11.71 6.08 -2.94
N ARG D 158 -13.05 5.99 -2.83
CA ARG D 158 -13.87 6.17 -1.58
C ARG D 158 -15.36 6.32 -1.96
N GLU D 159 -16.31 6.28 -1.00
CA GLU D 159 -17.75 6.24 -1.35
C GLU D 159 -18.75 7.03 -0.48
N THR D 160 -19.45 7.99 -1.11
CA THR D 160 -20.54 8.81 -0.51
C THR D 160 -21.20 8.33 0.78
N ASP D 164 -24.57 9.72 4.20
CA ASP D 164 -24.56 11.18 4.09
C ASP D 164 -25.92 11.79 4.48
N SER D 165 -26.30 11.63 5.75
CA SER D 165 -27.49 12.31 6.27
C SER D 165 -27.01 13.57 6.99
N MET D 166 -27.19 14.70 6.32
CA MET D 166 -26.47 15.92 6.65
C MET D 166 -27.44 16.88 7.28
N PRO D 167 -27.07 18.17 7.39
CA PRO D 167 -28.07 19.17 7.74
C PRO D 167 -28.75 19.72 6.49
N PRO D 168 -29.76 20.59 6.65
CA PRO D 168 -30.68 20.97 5.58
C PRO D 168 -30.07 21.59 4.32
N LEU D 169 -29.38 22.71 4.51
CA LEU D 169 -28.92 23.53 3.39
C LEU D 169 -27.77 22.86 2.62
N LEU D 170 -26.91 22.18 3.38
CA LEU D 170 -25.81 21.42 2.80
C LEU D 170 -26.33 20.21 2.01
N ARG D 171 -27.41 19.59 2.48
CA ARG D 171 -28.03 18.52 1.70
C ARG D 171 -28.51 19.14 0.39
N GLN D 172 -29.31 20.20 0.53
CA GLN D 172 -29.88 20.92 -0.61
C GLN D 172 -28.80 21.33 -1.60
N ALA D 173 -27.65 21.75 -1.08
CA ALA D 173 -26.51 22.12 -1.91
C ALA D 173 -25.98 20.98 -2.79
N ILE D 174 -25.86 19.80 -2.19
CA ILE D 174 -25.33 18.65 -2.92
C ILE D 174 -26.35 18.09 -3.91
N GLU D 175 -27.64 18.28 -3.63
CA GLU D 175 -28.65 17.90 -4.61
C GLU D 175 -28.51 18.80 -5.83
N LEU D 176 -28.39 20.09 -5.58
CA LEU D 176 -28.20 21.08 -6.63
C LEU D 176 -27.00 20.71 -7.51
N PHE D 177 -25.88 20.40 -6.86
CA PHE D 177 -24.68 19.96 -7.56
C PHE D 177 -24.91 18.65 -8.32
N ASP D 178 -25.46 17.65 -7.65
CA ASP D 178 -25.77 16.37 -8.28
C ASP D 178 -26.57 16.57 -9.58
N HIS D 179 -27.50 17.52 -9.56
CA HIS D 179 -28.35 17.83 -10.71
C HIS D 179 -27.66 18.59 -11.86
N GLN D 180 -26.85 19.60 -11.55
CA GLN D 180 -26.31 20.52 -12.58
C GLN D 180 -24.78 20.45 -12.81
N GLY D 181 -24.03 20.04 -11.80
CA GLY D 181 -22.60 19.82 -11.96
C GLY D 181 -21.81 21.10 -11.80
N ALA D 182 -20.62 21.10 -12.39
CA ALA D 182 -19.67 22.20 -12.20
C ALA D 182 -19.91 23.44 -13.07
N GLU D 183 -20.58 23.28 -14.21
CA GLU D 183 -20.54 24.30 -15.28
C GLU D 183 -21.28 25.58 -14.88
N PRO D 184 -22.51 25.46 -14.37
CA PRO D 184 -23.19 26.68 -13.87
C PRO D 184 -22.41 27.46 -12.82
N ALA D 185 -21.88 26.77 -11.83
CA ALA D 185 -21.03 27.42 -10.82
C ALA D 185 -19.81 28.09 -11.46
N PHE D 186 -19.16 27.40 -12.37
CA PHE D 186 -18.07 28.03 -13.09
C PHE D 186 -18.54 29.31 -13.80
N LEU D 187 -19.66 29.21 -14.51
CA LEU D 187 -20.20 30.34 -15.26
C LEU D 187 -20.67 31.47 -14.33
N HIS D 188 -21.25 31.12 -13.20
CA HIS D 188 -21.71 32.16 -12.33
C HIS D 188 -20.50 32.82 -11.68
N GLY D 189 -19.56 31.98 -11.29
CA GLY D 189 -18.26 32.46 -10.82
C GLY D 189 -17.58 33.37 -11.84
N LEU D 190 -17.59 32.96 -13.09
CA LEU D 190 -17.07 33.80 -14.15
C LEU D 190 -17.79 35.15 -14.18
N GLU D 191 -19.12 35.10 -14.20
CA GLU D 191 -19.84 36.36 -14.29
C GLU D 191 -19.59 37.24 -13.07
N SER D 192 -19.42 36.65 -11.90
CA SER D 192 -19.22 37.46 -10.70
C SER D 192 -17.96 38.32 -10.82
N LEU D 193 -16.88 37.73 -11.33
CA LEU D 193 -15.66 38.47 -11.61
C LEU D 193 -15.94 39.60 -12.59
N ILE D 194 -16.55 39.25 -13.71
CA ILE D 194 -16.83 40.21 -14.78
C ILE D 194 -17.63 41.42 -14.26
N ARG D 195 -18.73 41.16 -13.58
CA ARG D 195 -19.48 42.20 -12.90
C ARG D 195 -18.62 42.90 -11.86
N GLY D 196 -17.89 42.11 -11.10
CA GLY D 196 -16.97 42.65 -10.12
C GLY D 196 -16.07 43.72 -10.73
N PHE D 197 -15.54 43.44 -11.91
CA PHE D 197 -14.55 44.32 -12.54
C PHE D 197 -15.20 45.62 -12.93
N GLU D 198 -16.44 45.58 -13.42
CA GLU D 198 -17.18 46.80 -13.81
C GLU D 198 -17.36 47.75 -12.66
N VAL D 199 -17.70 47.18 -11.49
CA VAL D 199 -17.91 47.97 -10.28
C VAL D 199 -16.57 48.55 -9.87
N GLN D 200 -15.56 47.70 -9.85
CA GLN D 200 -14.20 48.08 -9.52
C GLN D 200 -13.71 49.22 -10.43
N LEU D 201 -14.01 49.07 -11.71
CA LEU D 201 -13.58 50.03 -12.74
C LEU D 201 -14.30 51.40 -12.65
N THR D 202 -15.61 51.40 -12.35
CA THR D 202 -16.35 52.64 -12.21
C THR D 202 -16.00 53.41 -10.92
N ALA D 203 -15.75 52.70 -9.82
CA ALA D 203 -15.51 53.34 -8.49
C ALA D 203 -14.61 54.63 -8.48
C ACE E 1 11.91 -19.15 19.26
O ACE E 1 12.20 -17.96 19.02
CH3 ACE E 1 12.90 -20.28 19.23
N TRP E 2 10.65 -19.47 19.55
CA TRP E 2 10.18 -20.81 19.85
C TRP E 2 8.73 -20.89 19.37
N THR E 3 8.27 -22.08 18.97
CA THR E 3 6.91 -22.28 18.47
C THR E 3 5.91 -22.48 19.59
N TRP E 4 6.40 -22.79 20.78
CA TRP E 4 5.54 -23.13 21.89
C TRP E 4 4.66 -24.33 21.60
N ASN E 5 5.21 -25.27 20.85
CA ASN E 5 4.42 -26.42 20.47
C ASN E 5 3.99 -27.21 21.70
N ALA E 6 2.72 -27.57 21.73
CA ALA E 6 2.18 -28.32 22.88
C ALA E 6 2.80 -29.71 23.15
N TYR E 7 3.55 -30.30 22.22
CA TYR E 7 4.20 -31.60 22.49
C TYR E 7 5.69 -31.47 22.76
N ALA E 8 6.17 -30.25 22.93
CA ALA E 8 7.57 -30.06 23.13
C ALA E 8 8.03 -30.85 24.37
N PHE E 9 7.16 -30.96 25.35
CA PHE E 9 7.50 -31.72 26.53
C PHE E 9 6.56 -32.89 26.77
N ALA E 10 6.05 -33.50 25.71
CA ALA E 10 5.36 -34.79 25.87
C ALA E 10 6.40 -35.84 26.21
N ALA E 11 6.03 -36.80 27.06
CA ALA E 11 6.96 -37.87 27.47
C ALA E 11 6.89 -39.02 26.46
N PRO E 12 7.90 -39.90 26.46
CA PRO E 12 7.87 -40.97 25.48
C PRO E 12 6.64 -41.91 25.56
N SER E 13 6.28 -42.48 24.40
CA SER E 13 5.26 -43.55 24.23
C SER E 13 3.99 -43.36 25.07
C ACE F 1 -4.33 -25.82 0.17
O ACE F 1 -5.53 -25.65 0.42
CH3 ACE F 1 -3.64 -27.15 0.29
N TRP F 2 -3.57 -24.81 -0.25
CA TRP F 2 -2.15 -24.88 -0.56
C TRP F 2 -1.53 -23.87 0.39
N THR F 3 -0.23 -23.60 0.26
CA THR F 3 0.40 -22.60 1.10
C THR F 3 0.56 -21.31 0.33
N TRP F 4 0.41 -21.34 -0.99
CA TRP F 4 0.61 -20.11 -1.79
C TRP F 4 2.01 -19.51 -1.58
N ASN F 5 2.98 -20.36 -1.27
CA ASN F 5 4.35 -19.92 -1.14
C ASN F 5 4.83 -19.20 -2.38
N ALA F 6 5.51 -18.08 -2.19
CA ALA F 6 6.04 -17.32 -3.29
C ALA F 6 6.83 -18.14 -4.28
N TYR F 7 7.77 -18.96 -3.79
CA TYR F 7 8.73 -19.61 -4.68
C TYR F 7 8.16 -20.90 -5.22
N ALA F 8 6.88 -21.17 -4.97
CA ALA F 8 6.30 -22.42 -5.43
C ALA F 8 6.27 -22.55 -6.98
N PHE F 9 6.15 -21.44 -7.70
CA PHE F 9 6.27 -21.48 -9.16
C PHE F 9 7.47 -20.69 -9.59
N ALA F 10 8.61 -20.98 -8.98
CA ALA F 10 9.89 -20.36 -9.37
C ALA F 10 10.62 -21.24 -10.40
N ALA F 11 11.61 -20.65 -11.10
CA ALA F 11 12.19 -21.22 -12.32
C ALA F 11 13.72 -21.37 -12.25
N PRO F 12 14.22 -22.61 -12.06
CA PRO F 12 15.62 -22.90 -11.63
C PRO F 12 16.66 -21.82 -11.98
C ACE G 1 -12.32 24.12 3.68
O ACE G 1 -11.85 24.86 4.56
CH3 ACE G 1 -12.53 22.63 3.95
N TRP G 2 -12.66 24.62 2.48
CA TRP G 2 -13.26 23.86 1.39
C TRP G 2 -13.58 24.75 0.18
N THR G 3 -13.50 24.17 -1.02
CA THR G 3 -13.81 24.83 -2.30
C THR G 3 -15.25 24.72 -2.83
N TRP G 4 -16.06 23.83 -2.24
CA TRP G 4 -17.45 23.60 -2.64
C TRP G 4 -17.60 23.06 -4.06
N ASN G 5 -16.77 22.07 -4.40
CA ASN G 5 -16.70 21.59 -5.76
C ASN G 5 -17.87 20.72 -6.07
N ALA G 6 -18.41 20.89 -7.27
CA ALA G 6 -19.56 20.12 -7.71
C ALA G 6 -19.42 18.61 -7.50
N TYR G 7 -18.21 18.07 -7.63
CA TYR G 7 -17.99 16.61 -7.61
C TYR G 7 -17.39 16.10 -6.29
N ALA G 8 -17.47 16.90 -5.24
CA ALA G 8 -16.95 16.49 -3.94
C ALA G 8 -17.64 15.25 -3.38
N PHE G 9 -18.92 15.10 -3.72
CA PHE G 9 -19.77 14.04 -3.18
C PHE G 9 -20.38 13.13 -4.25
N ALA G 10 -19.96 13.30 -5.50
CA ALA G 10 -20.41 12.43 -6.58
C ALA G 10 -19.83 11.04 -6.37
N ALA G 11 -20.71 10.04 -6.38
CA ALA G 11 -20.33 8.64 -6.15
C ALA G 11 -19.55 8.08 -7.35
N PRO G 12 -18.82 6.99 -7.13
CA PRO G 12 -18.13 6.36 -8.27
C PRO G 12 -19.08 5.48 -9.12
N SER G 13 -18.50 4.65 -10.00
CA SER G 13 -19.27 3.61 -10.72
C SER G 13 -19.36 2.34 -9.88
C ACE H 1 -3.77 31.31 -21.14
O ACE H 1 -4.70 31.42 -21.95
CH3 ACE H 1 -2.73 30.22 -21.26
N TRP H 2 -3.67 32.18 -20.15
CA TRP H 2 -2.60 32.10 -19.17
C TRP H 2 -3.07 32.78 -17.90
N THR H 3 -2.57 32.28 -16.78
CA THR H 3 -2.99 32.73 -15.46
C THR H 3 -2.44 34.08 -15.01
N TRP H 4 -1.48 34.63 -15.77
CA TRP H 4 -0.77 35.83 -15.37
C TRP H 4 -0.25 35.77 -13.93
N ASN H 5 0.25 34.59 -13.53
CA ASN H 5 0.85 34.39 -12.23
C ASN H 5 2.15 35.15 -12.07
N ALA H 6 2.21 35.95 -11.02
CA ALA H 6 3.36 36.77 -10.72
C ALA H 6 4.74 36.08 -10.63
N TYR H 7 4.78 34.75 -10.70
CA TYR H 7 6.07 34.05 -10.66
C TYR H 7 6.45 33.43 -11.98
N ALA H 8 5.54 33.41 -12.95
CA ALA H 8 5.82 32.80 -14.24
C ALA H 8 7.18 33.23 -14.79
N PHE H 9 7.56 34.49 -14.59
CA PHE H 9 8.84 34.96 -15.12
C PHE H 9 9.87 35.25 -14.00
N ALA H 10 9.70 34.57 -12.86
CA ALA H 10 10.63 34.70 -11.75
C ALA H 10 11.91 33.88 -12.02
N ALA H 11 13.05 34.41 -11.58
CA ALA H 11 14.35 33.74 -11.72
C ALA H 11 14.59 32.79 -10.54
N PRO H 12 15.50 31.83 -10.72
CA PRO H 12 15.99 31.01 -9.60
C PRO H 12 16.60 31.82 -8.47
N TRP I 2 21.47 -41.18 11.57
CA TRP I 2 22.96 -41.35 11.72
C TRP I 2 23.47 -42.78 11.77
N THR I 3 24.60 -42.98 11.09
CA THR I 3 25.21 -44.31 10.86
C THR I 3 26.68 -44.38 11.29
N TRP I 4 26.94 -45.12 12.37
CA TRP I 4 28.31 -45.33 12.87
C TRP I 4 29.00 -46.50 12.14
N ASN I 5 30.33 -46.57 12.17
CA ASN I 5 31.08 -47.69 11.55
C ASN I 5 31.85 -48.54 12.56
#